data_9HQB
#
_entry.id   9HQB
#
_cell.length_a   70.780
_cell.length_b   87.590
_cell.length_c   102.010
_cell.angle_alpha   90.00
_cell.angle_beta   106.76
_cell.angle_gamma   90.00
#
_symmetry.space_group_name_H-M   'P 1 21 1'
#
loop_
_entity.id
_entity.type
_entity.pdbx_description
1 polymer NcECS
2 non-polymer '(3S,6E)-3,7,11-trimethyldodeca-6,10-dien-1-yl trihydrogen diphosphate'
3 non-polymer 'MAGNESIUM ION'
4 non-polymer (R,R)-2,3-BUTANEDIOL
5 non-polymer 'SODIUM ION'
6 water water
#
_entity_poly.entity_id   1
_entity_poly.type   'polypeptide(L)'
_entity_poly.pdbx_seq_one_letter_code
;SATSAHSFTGRPLHIPPLPCPFPSEINEHADAVDEESHTWLAASHMLKGADTVEHFRRSKIGTLAARTNPTVPRDSLRLI
NDWYNWLFAFDDAFCEGELMGHRASALARALPPLLEILDGRREPDGSDAFGLALKELLHRISDVASPAQVDRWRTTVKEY
LFAQIWEAANREVDLIPTPDDYVLMRRITGATYTCFALIDVGGGYRLEAEEWHHPDVRTLSDLACDLIGWDNDLLSYAKE
RGNDKARHNLVTVLATHKSLTLQDALLEVAQMHNDAVAAFLDRRAALDRWATLPVRKYVRGLEHWVRGHIAFSLGSARYV
GAWPDDTRWPRAV
;
_entity_poly.pdbx_strand_id   A,B,C,D
#
loop_
_chem_comp.id
_chem_comp.type
_chem_comp.name
_chem_comp.formula
3E9 non-polymer '(3S,6E)-3,7,11-trimethyldodeca-6,10-dien-1-yl trihydrogen diphosphate' 'C15 H30 O7 P2'
BU3 non-polymer (R,R)-2,3-BUTANEDIOL 'C4 H10 O2'
MG non-polymer 'MAGNESIUM ION' 'Mg 2'
NA non-polymer 'SODIUM ION' 'Na 1'
#
# COMPACT_ATOMS: atom_id res chain seq x y z
N ALA A 5 40.56 -28.29 -19.48
CA ALA A 5 39.51 -28.00 -20.50
C ALA A 5 40.16 -27.73 -21.86
N HIS A 6 39.65 -28.38 -22.90
CA HIS A 6 40.14 -28.29 -24.31
C HIS A 6 39.97 -26.83 -24.77
N SER A 7 40.99 -26.23 -25.39
CA SER A 7 40.94 -24.85 -25.91
C SER A 7 39.94 -24.79 -27.06
N PHE A 8 39.14 -23.74 -27.15
CA PHE A 8 38.10 -23.58 -28.20
C PHE A 8 38.35 -22.30 -29.01
N THR A 9 39.56 -21.74 -28.93
CA THR A 9 39.98 -20.58 -29.76
C THR A 9 41.41 -20.79 -30.27
N GLY A 10 41.74 -20.19 -31.41
CA GLY A 10 43.06 -20.28 -32.04
C GLY A 10 44.15 -19.66 -31.18
N ARG A 11 43.82 -18.63 -30.40
CA ARG A 11 44.76 -18.01 -29.42
C ARG A 11 44.01 -17.74 -28.12
N PRO A 12 44.73 -17.70 -26.97
CA PRO A 12 44.08 -17.50 -25.67
C PRO A 12 43.11 -16.31 -25.60
N LEU A 13 42.00 -16.52 -24.88
CA LEU A 13 40.97 -15.47 -24.63
C LEU A 13 41.37 -14.68 -23.38
N HIS A 14 41.05 -13.39 -23.37
CA HIS A 14 41.21 -12.49 -22.21
C HIS A 14 39.82 -12.14 -21.71
N ILE A 15 39.44 -12.63 -20.53
CA ILE A 15 38.13 -12.28 -19.92
C ILE A 15 38.22 -10.82 -19.46
N PRO A 16 37.40 -9.91 -20.02
CA PRO A 16 37.47 -8.49 -19.65
C PRO A 16 37.03 -8.25 -18.21
N PRO A 17 37.45 -7.12 -17.59
CA PRO A 17 37.01 -6.80 -16.23
C PRO A 17 35.54 -6.38 -16.26
N LEU A 18 34.84 -6.60 -15.14
CA LEU A 18 33.45 -6.16 -14.92
C LEU A 18 33.44 -5.16 -13.77
N PRO A 19 33.89 -3.90 -14.03
CA PRO A 19 33.94 -2.86 -13.00
C PRO A 19 32.56 -2.63 -12.39
N CYS A 20 32.53 -2.35 -11.10
CA CYS A 20 31.27 -2.19 -10.31
C CYS A 20 31.59 -1.43 -9.03
N PRO A 21 31.09 -0.18 -8.87
CA PRO A 21 31.38 0.61 -7.67
C PRO A 21 30.55 0.22 -6.44
N PHE A 22 29.73 -0.82 -6.52
CA PHE A 22 28.82 -1.25 -5.43
C PHE A 22 29.62 -2.01 -4.37
N PRO A 23 29.22 -1.91 -3.09
CA PRO A 23 29.94 -2.61 -2.02
C PRO A 23 29.88 -4.14 -2.20
N SER A 24 31.02 -4.82 -2.00
CA SER A 24 31.13 -6.30 -2.03
C SER A 24 31.11 -6.83 -0.60
N GLU A 25 30.03 -7.48 -0.19
CA GLU A 25 29.82 -7.95 1.21
C GLU A 25 29.40 -9.42 1.19
N ILE A 26 29.48 -10.08 2.35
CA ILE A 26 29.01 -11.49 2.51
C ILE A 26 28.32 -11.59 3.88
N ASN A 27 27.19 -12.28 3.91
CA ASN A 27 26.44 -12.59 5.15
C ASN A 27 27.36 -13.34 6.12
N GLU A 28 27.35 -12.98 7.41
CA GLU A 28 28.20 -13.62 8.45
C GLU A 28 27.83 -15.10 8.62
N HIS A 29 26.61 -15.50 8.22
CA HIS A 29 26.10 -16.89 8.38
C HIS A 29 26.39 -17.76 7.14
N ALA A 30 27.20 -17.28 6.18
CA ALA A 30 27.47 -17.91 4.88
C ALA A 30 27.85 -19.39 5.03
N ASP A 31 28.86 -19.69 5.85
CA ASP A 31 29.49 -21.04 5.96
C ASP A 31 28.46 -22.05 6.49
N ALA A 32 27.83 -21.74 7.63
CA ALA A 32 26.83 -22.60 8.31
C ALA A 32 25.61 -22.81 7.40
N VAL A 33 25.10 -21.75 6.78
CA VAL A 33 23.83 -21.83 6.00
C VAL A 33 24.10 -22.51 4.65
N ASP A 34 25.23 -22.23 3.99
CA ASP A 34 25.61 -22.92 2.72
C ASP A 34 25.50 -24.43 2.93
N GLU A 35 26.07 -24.94 4.02
CA GLU A 35 26.14 -26.39 4.33
C GLU A 35 24.73 -26.91 4.64
N GLU A 36 23.97 -26.19 5.47
CA GLU A 36 22.57 -26.51 5.85
C GLU A 36 21.68 -26.59 4.60
N SER A 37 21.78 -25.59 3.72
CA SER A 37 20.96 -25.50 2.48
C SER A 37 21.36 -26.62 1.52
N HIS A 38 22.65 -26.93 1.40
CA HIS A 38 23.11 -28.03 0.52
C HIS A 38 22.54 -29.36 1.04
N THR A 39 22.53 -29.56 2.34
CA THR A 39 22.00 -30.78 3.01
C THR A 39 20.50 -30.90 2.66
N TRP A 40 19.78 -29.77 2.72
CA TRP A 40 18.36 -29.66 2.33
C TRP A 40 18.19 -30.09 0.87
N LEU A 41 19.04 -29.58 -0.03
CA LEU A 41 19.00 -29.91 -1.47
C LEU A 41 19.20 -31.43 -1.64
N ALA A 42 20.20 -32.01 -0.97
CA ALA A 42 20.52 -33.45 -1.05
C ALA A 42 19.34 -34.27 -0.53
N ALA A 43 18.73 -33.85 0.59
CA ALA A 43 17.59 -34.54 1.24
C ALA A 43 16.34 -34.48 0.35
N SER A 44 16.22 -33.48 -0.52
CA SER A 44 14.99 -33.20 -1.33
C SER A 44 14.80 -34.25 -2.45
N HIS A 45 15.89 -34.87 -2.90
CA HIS A 45 15.96 -35.81 -4.06
C HIS A 45 15.57 -35.11 -5.37
N MET A 46 15.73 -33.78 -5.46
CA MET A 46 15.50 -33.03 -6.72
C MET A 46 16.57 -33.43 -7.77
N LEU A 47 17.79 -33.71 -7.32
CA LEU A 47 18.90 -34.21 -8.19
C LEU A 47 19.00 -35.72 -8.02
N LYS A 48 19.00 -36.47 -9.12
CA LYS A 48 18.98 -37.96 -9.13
C LYS A 48 20.40 -38.50 -8.90
N GLY A 49 21.39 -37.96 -9.61
CA GLY A 49 22.79 -38.47 -9.59
C GLY A 49 23.57 -37.97 -8.38
N ALA A 50 24.33 -38.87 -7.74
CA ALA A 50 25.32 -38.53 -6.69
C ALA A 50 26.35 -37.55 -7.26
N ASP A 51 26.77 -37.76 -8.52
CA ASP A 51 27.74 -36.88 -9.23
C ASP A 51 27.17 -35.46 -9.34
N THR A 52 25.88 -35.33 -9.70
CA THR A 52 25.19 -34.02 -9.85
C THR A 52 25.19 -33.31 -8.49
N VAL A 53 24.79 -34.00 -7.42
CA VAL A 53 24.75 -33.47 -6.03
C VAL A 53 26.16 -32.97 -5.66
N GLU A 54 27.19 -33.73 -6.01
CA GLU A 54 28.60 -33.40 -5.67
C GLU A 54 29.03 -32.13 -6.42
N HIS A 55 28.69 -31.99 -7.70
CA HIS A 55 29.06 -30.79 -8.50
C HIS A 55 28.36 -29.55 -7.90
N PHE A 56 27.13 -29.70 -7.41
CA PHE A 56 26.39 -28.63 -6.70
C PHE A 56 27.13 -28.24 -5.41
N ARG A 57 27.55 -29.24 -4.62
CA ARG A 57 28.33 -29.02 -3.38
C ARG A 57 29.56 -28.16 -3.72
N ARG A 58 30.28 -28.51 -4.78
CA ARG A 58 31.56 -27.85 -5.16
C ARG A 58 31.30 -26.41 -5.61
N SER A 59 30.09 -26.11 -6.12
CA SER A 59 29.71 -24.81 -6.70
C SER A 59 29.50 -23.75 -5.59
N LYS A 60 29.32 -24.17 -4.32
CA LYS A 60 29.15 -23.26 -3.16
C LYS A 60 27.97 -22.30 -3.41
N ILE A 61 26.80 -22.83 -3.75
CA ILE A 61 25.58 -22.00 -4.06
C ILE A 61 25.28 -21.05 -2.88
N GLY A 62 25.51 -21.50 -1.64
CA GLY A 62 25.30 -20.68 -0.43
C GLY A 62 26.19 -19.44 -0.40
N THR A 63 27.35 -19.47 -1.06
CA THR A 63 28.24 -18.30 -1.24
C THR A 63 27.48 -17.24 -2.06
N LEU A 64 26.74 -17.64 -3.10
CA LEU A 64 25.94 -16.69 -3.92
C LEU A 64 24.84 -16.08 -3.04
N ALA A 65 24.12 -16.90 -2.28
CA ALA A 65 23.03 -16.45 -1.40
C ALA A 65 23.58 -15.43 -0.39
N ALA A 66 24.74 -15.72 0.21
CA ALA A 66 25.34 -14.91 1.30
C ALA A 66 25.90 -13.59 0.74
N ARG A 67 26.48 -13.62 -0.45
CA ARG A 67 27.08 -12.42 -1.10
C ARG A 67 25.95 -11.49 -1.62
N THR A 68 24.85 -12.05 -2.09
CA THR A 68 23.74 -11.27 -2.70
C THR A 68 22.77 -10.77 -1.62
N ASN A 69 22.78 -11.39 -0.44
CA ASN A 69 21.89 -11.01 0.69
C ASN A 69 22.76 -10.86 1.96
N PRO A 70 23.72 -9.94 2.00
CA PRO A 70 24.68 -9.87 3.11
C PRO A 70 24.11 -9.33 4.43
N THR A 71 22.93 -8.69 4.43
CA THR A 71 22.38 -7.99 5.63
C THR A 71 21.33 -8.85 6.36
N VAL A 72 20.82 -9.91 5.74
CA VAL A 72 19.57 -10.58 6.24
C VAL A 72 19.91 -11.48 7.42
N PRO A 73 18.98 -11.66 8.38
CA PRO A 73 19.15 -12.64 9.46
C PRO A 73 19.27 -14.09 8.94
N ARG A 74 19.75 -14.97 9.82
CA ARG A 74 20.14 -16.36 9.47
C ARG A 74 18.96 -17.09 8.83
N ASP A 75 17.77 -16.98 9.42
CA ASP A 75 16.54 -17.69 8.97
C ASP A 75 16.18 -17.24 7.55
N SER A 76 16.29 -15.94 7.26
CA SER A 76 16.08 -15.34 5.92
C SER A 76 17.12 -15.89 4.93
N LEU A 77 18.40 -15.86 5.29
CA LEU A 77 19.49 -16.38 4.42
C LEU A 77 19.21 -17.85 4.09
N ARG A 78 18.82 -18.65 5.07
CA ARG A 78 18.57 -20.11 4.89
C ARG A 78 17.43 -20.29 3.89
N LEU A 79 16.34 -19.56 4.05
CA LEU A 79 15.16 -19.63 3.14
C LEU A 79 15.61 -19.25 1.72
N ILE A 80 16.34 -18.15 1.58
CA ILE A 80 16.79 -17.65 0.25
C ILE A 80 17.78 -18.66 -0.37
N ASN A 81 18.69 -19.21 0.45
CA ASN A 81 19.69 -20.21 -0.01
C ASN A 81 18.93 -21.45 -0.54
N ASP A 82 17.88 -21.90 0.15
CA ASP A 82 17.08 -23.08 -0.30
C ASP A 82 16.43 -22.74 -1.65
N TRP A 83 15.93 -21.51 -1.80
CA TRP A 83 15.30 -21.05 -3.06
C TRP A 83 16.34 -21.08 -4.19
N TYR A 84 17.57 -20.61 -3.97
CA TYR A 84 18.64 -20.62 -5.00
C TYR A 84 18.94 -22.07 -5.40
N ASN A 85 19.04 -22.97 -4.42
CA ASN A 85 19.32 -24.42 -4.66
C ASN A 85 18.19 -25.02 -5.51
N TRP A 86 16.93 -24.71 -5.19
CA TRP A 86 15.75 -25.12 -6.01
C TRP A 86 15.95 -24.67 -7.45
N LEU A 87 16.27 -23.39 -7.65
CA LEU A 87 16.39 -22.76 -8.99
C LEU A 87 17.52 -23.42 -9.79
N PHE A 88 18.71 -23.57 -9.20
CA PHE A 88 19.88 -24.19 -9.88
C PHE A 88 19.51 -25.61 -10.32
N ALA A 89 18.95 -26.40 -9.40
CA ALA A 89 18.59 -27.82 -9.65
C ALA A 89 17.53 -27.89 -10.75
N PHE A 90 16.48 -27.06 -10.63
CA PHE A 90 15.32 -27.02 -11.56
C PHE A 90 15.78 -26.57 -12.95
N ASP A 91 16.56 -25.49 -13.00
CA ASP A 91 17.04 -24.93 -14.29
C ASP A 91 17.89 -25.99 -15.02
N ASP A 92 18.74 -26.73 -14.30
CA ASP A 92 19.65 -27.74 -14.90
C ASP A 92 18.85 -28.97 -15.32
N ALA A 93 17.93 -29.44 -14.46
CA ALA A 93 17.25 -30.75 -14.61
C ALA A 93 16.07 -30.62 -15.58
N PHE A 94 15.31 -29.53 -15.50
CA PHE A 94 14.04 -29.35 -16.26
C PHE A 94 14.25 -28.42 -17.45
N CYS A 95 14.60 -27.16 -17.19
CA CYS A 95 14.57 -26.07 -18.18
C CYS A 95 15.57 -26.33 -19.32
N GLU A 96 16.81 -26.72 -18.98
CA GLU A 96 17.89 -26.97 -19.97
C GLU A 96 18.06 -28.47 -20.26
N GLY A 97 17.17 -29.31 -19.74
CA GLY A 97 17.28 -30.79 -19.82
C GLY A 97 16.91 -31.32 -21.20
N GLU A 98 17.22 -32.59 -21.47
CA GLU A 98 16.99 -33.23 -22.79
C GLU A 98 15.48 -33.41 -23.04
N LEU A 99 14.73 -33.90 -22.05
CA LEU A 99 13.32 -34.35 -22.21
C LEU A 99 12.38 -33.18 -22.53
N MET A 100 12.54 -32.05 -21.84
CA MET A 100 11.58 -30.91 -21.92
C MET A 100 12.18 -29.73 -22.67
N GLY A 101 13.48 -29.47 -22.49
CA GLY A 101 14.15 -28.22 -22.89
C GLY A 101 14.33 -28.06 -24.39
N HIS A 102 14.06 -29.10 -25.21
CA HIS A 102 14.36 -29.06 -26.67
C HIS A 102 13.09 -29.00 -27.53
N ARG A 103 11.90 -28.93 -26.91
CA ARG A 103 10.63 -28.69 -27.66
C ARG A 103 9.70 -27.78 -26.85
N ALA A 104 9.32 -26.64 -27.44
CA ALA A 104 8.44 -25.62 -26.84
C ALA A 104 7.16 -26.30 -26.30
N SER A 105 6.54 -27.16 -27.12
CA SER A 105 5.23 -27.79 -26.83
C SER A 105 5.34 -28.70 -25.59
N ALA A 106 6.42 -29.49 -25.46
CA ALA A 106 6.65 -30.40 -24.31
C ALA A 106 6.83 -29.58 -23.03
N LEU A 107 7.65 -28.53 -23.07
CA LEU A 107 7.91 -27.72 -21.84
C LEU A 107 6.62 -27.01 -21.44
N ALA A 108 5.95 -26.33 -22.37
CA ALA A 108 4.66 -25.63 -22.14
C ALA A 108 3.65 -26.58 -21.47
N ARG A 109 3.51 -27.81 -21.98
CA ARG A 109 2.49 -28.78 -21.50
C ARG A 109 2.87 -29.33 -20.11
N ALA A 110 4.14 -29.22 -19.71
CA ALA A 110 4.63 -29.73 -18.40
C ALA A 110 4.37 -28.72 -17.27
N LEU A 111 4.04 -27.46 -17.58
CA LEU A 111 4.01 -26.37 -16.58
C LEU A 111 2.76 -26.41 -15.69
N PRO A 112 1.54 -26.71 -16.17
CA PRO A 112 0.33 -26.54 -15.35
C PRO A 112 0.34 -27.26 -14.00
N PRO A 113 0.81 -28.53 -13.88
CA PRO A 113 0.89 -29.18 -12.56
C PRO A 113 1.77 -28.39 -11.59
N LEU A 114 2.87 -27.81 -12.06
CA LEU A 114 3.78 -27.01 -11.19
C LEU A 114 3.09 -25.70 -10.80
N LEU A 115 2.40 -25.05 -11.73
CA LEU A 115 1.66 -23.79 -11.48
C LEU A 115 0.58 -24.03 -10.42
N GLU A 116 -0.11 -25.17 -10.50
CA GLU A 116 -1.15 -25.61 -9.52
C GLU A 116 -0.52 -25.63 -8.12
N ILE A 117 0.66 -26.22 -7.97
CA ILE A 117 1.35 -26.31 -6.67
C ILE A 117 1.66 -24.89 -6.19
N LEU A 118 2.19 -24.08 -7.10
CA LEU A 118 2.63 -22.68 -6.82
C LEU A 118 1.44 -21.86 -6.30
N ASP A 119 0.23 -22.10 -6.81
CA ASP A 119 -1.00 -21.36 -6.42
C ASP A 119 -1.58 -21.90 -5.11
N GLY A 120 -1.00 -22.97 -4.54
CA GLY A 120 -1.46 -23.61 -3.28
C GLY A 120 -2.72 -24.42 -3.50
N ARG A 121 -2.99 -24.85 -4.74
CA ARG A 121 -4.24 -25.54 -5.16
C ARG A 121 -4.07 -27.06 -5.15
N ARG A 122 -2.87 -27.60 -4.92
CA ARG A 122 -2.64 -29.06 -5.06
C ARG A 122 -1.46 -29.53 -4.21
N GLU A 123 -1.64 -30.66 -3.53
CA GLU A 123 -0.57 -31.45 -2.86
C GLU A 123 0.27 -32.13 -3.93
N PRO A 124 1.62 -31.95 -3.95
CA PRO A 124 2.50 -32.71 -4.84
C PRO A 124 2.42 -34.23 -4.57
N ASP A 125 2.65 -35.06 -5.58
CA ASP A 125 2.75 -36.53 -5.42
C ASP A 125 4.03 -36.82 -4.62
N GLY A 126 4.00 -37.87 -3.79
CA GLY A 126 5.12 -38.26 -2.91
C GLY A 126 6.45 -38.34 -3.65
N SER A 127 6.42 -38.55 -4.97
CA SER A 127 7.61 -38.79 -5.83
C SER A 127 8.01 -37.51 -6.59
N ASP A 128 7.27 -36.42 -6.41
CA ASP A 128 7.48 -35.14 -7.13
C ASP A 128 8.43 -34.26 -6.31
N ALA A 129 9.74 -34.49 -6.41
CA ALA A 129 10.77 -33.83 -5.57
C ALA A 129 10.68 -32.31 -5.74
N PHE A 130 10.62 -31.82 -6.98
CA PHE A 130 10.57 -30.36 -7.31
C PHE A 130 9.29 -29.74 -6.75
N GLY A 131 8.13 -30.41 -6.94
CA GLY A 131 6.83 -29.93 -6.43
C GLY A 131 6.77 -29.86 -4.92
N LEU A 132 7.21 -30.93 -4.24
CA LEU A 132 7.24 -31.01 -2.76
C LEU A 132 8.10 -29.88 -2.20
N ALA A 133 9.28 -29.65 -2.77
CA ALA A 133 10.22 -28.58 -2.34
C ALA A 133 9.62 -27.20 -2.63
N LEU A 134 8.99 -26.99 -3.79
CA LEU A 134 8.38 -25.68 -4.13
C LEU A 134 7.24 -25.38 -3.14
N LYS A 135 6.39 -26.37 -2.84
CA LYS A 135 5.28 -26.22 -1.86
C LYS A 135 5.88 -25.80 -0.52
N GLU A 136 6.96 -26.45 -0.06
CA GLU A 136 7.59 -26.16 1.24
C GLU A 136 8.07 -24.69 1.24
N LEU A 137 8.76 -24.26 0.17
CA LEU A 137 9.30 -22.88 0.08
C LEU A 137 8.14 -21.87 0.05
N LEU A 138 7.08 -22.13 -0.73
CA LEU A 138 5.89 -21.25 -0.77
C LEU A 138 5.37 -21.03 0.67
N HIS A 139 5.24 -22.10 1.45
CA HIS A 139 4.71 -22.05 2.84
C HIS A 139 5.68 -21.27 3.73
N ARG A 140 6.98 -21.50 3.60
CA ARG A 140 8.02 -20.82 4.43
C ARG A 140 8.08 -19.32 4.08
N ILE A 141 7.91 -18.96 2.80
CA ILE A 141 7.85 -17.53 2.38
C ILE A 141 6.58 -16.91 2.97
N SER A 142 5.44 -17.60 2.85
CA SER A 142 4.12 -17.15 3.37
C SER A 142 4.18 -16.88 4.88
N ASP A 143 5.02 -17.61 5.61
CA ASP A 143 5.16 -17.47 7.09
C ASP A 143 5.78 -16.11 7.43
N VAL A 144 6.56 -15.50 6.55
CA VAL A 144 7.35 -14.26 6.85
C VAL A 144 7.05 -13.16 5.82
N ALA A 145 5.96 -13.25 5.07
CA ALA A 145 5.61 -12.28 4.01
C ALA A 145 4.10 -12.02 4.00
N SER A 146 3.71 -10.80 3.62
CA SER A 146 2.29 -10.39 3.40
C SER A 146 1.78 -11.06 2.12
N PRO A 147 0.44 -11.16 1.91
CA PRO A 147 -0.09 -11.71 0.67
C PRO A 147 0.41 -11.01 -0.61
N ALA A 148 0.63 -9.70 -0.58
CA ALA A 148 1.15 -8.92 -1.73
C ALA A 148 2.58 -9.34 -2.04
N GLN A 149 3.40 -9.61 -1.02
CA GLN A 149 4.80 -10.04 -1.17
C GLN A 149 4.84 -11.45 -1.76
N VAL A 150 4.00 -12.35 -1.24
CA VAL A 150 3.90 -13.76 -1.73
C VAL A 150 3.47 -13.74 -3.20
N ASP A 151 2.45 -12.94 -3.54
CA ASP A 151 1.92 -12.84 -4.93
C ASP A 151 3.00 -12.26 -5.84
N ARG A 152 3.74 -11.25 -5.37
CA ARG A 152 4.84 -10.63 -6.13
C ARG A 152 5.88 -11.71 -6.49
N TRP A 153 6.29 -12.51 -5.51
CA TRP A 153 7.25 -13.63 -5.70
C TRP A 153 6.65 -14.64 -6.68
N ARG A 154 5.42 -15.09 -6.42
CA ARG A 154 4.70 -16.10 -7.24
C ARG A 154 4.63 -15.63 -8.71
N THR A 155 4.26 -14.35 -8.92
CA THR A 155 4.19 -13.73 -10.27
C THR A 155 5.55 -13.82 -10.97
N THR A 156 6.66 -13.52 -10.27
CA THR A 156 8.03 -13.55 -10.87
C THR A 156 8.40 -15.00 -11.21
N VAL A 157 7.94 -15.97 -10.42
CA VAL A 157 8.21 -17.42 -10.66
C VAL A 157 7.46 -17.84 -11.94
N LYS A 158 6.19 -17.45 -12.07
CA LYS A 158 5.35 -17.80 -13.26
C LYS A 158 5.99 -17.21 -14.52
N GLU A 159 6.45 -15.96 -14.44
CA GLU A 159 7.14 -15.26 -15.55
C GLU A 159 8.38 -16.06 -15.97
N TYR A 160 9.16 -16.52 -14.99
CA TYR A 160 10.38 -17.34 -15.18
C TYR A 160 10.02 -18.65 -15.87
N LEU A 161 8.99 -19.34 -15.38
CA LEU A 161 8.57 -20.67 -15.91
C LEU A 161 8.11 -20.52 -17.37
N PHE A 162 7.26 -19.55 -17.65
CA PHE A 162 6.74 -19.30 -19.03
C PHE A 162 7.90 -18.97 -19.97
N ALA A 163 8.87 -18.18 -19.49
CA ALA A 163 10.06 -17.75 -20.26
C ALA A 163 10.85 -18.95 -20.77
N GLN A 164 10.86 -20.06 -20.01
CA GLN A 164 11.63 -21.29 -20.37
C GLN A 164 11.10 -21.87 -21.69
N ILE A 165 9.82 -21.65 -22.01
CA ILE A 165 9.18 -22.15 -23.26
C ILE A 165 9.89 -21.52 -24.46
N TRP A 166 10.24 -20.23 -24.34
CA TRP A 166 10.96 -19.47 -25.39
C TRP A 166 12.35 -20.09 -25.63
N GLU A 167 13.08 -20.41 -24.57
CA GLU A 167 14.40 -21.09 -24.68
C GLU A 167 14.21 -22.40 -25.45
N ALA A 168 13.23 -23.21 -25.04
CA ALA A 168 12.91 -24.50 -25.69
C ALA A 168 12.57 -24.24 -27.17
N ALA A 169 11.82 -23.20 -27.47
CA ALA A 169 11.45 -22.82 -28.85
C ALA A 169 12.72 -22.63 -29.70
N ASN A 170 13.75 -22.00 -29.13
CA ASN A 170 15.02 -21.72 -29.84
C ASN A 170 15.78 -23.02 -30.07
N ARG A 171 15.84 -23.90 -29.06
CA ARG A 171 16.57 -25.19 -29.15
C ARG A 171 15.92 -26.04 -30.25
N GLU A 172 14.59 -26.03 -30.29
CA GLU A 172 13.77 -26.90 -31.18
C GLU A 172 14.11 -26.66 -32.65
N VAL A 173 14.20 -25.40 -33.08
CA VAL A 173 14.45 -25.05 -34.51
C VAL A 173 15.95 -24.76 -34.70
N ASP A 174 16.76 -24.98 -33.66
CA ASP A 174 18.23 -24.81 -33.66
C ASP A 174 18.57 -23.42 -34.23
N LEU A 175 18.11 -22.36 -33.59
CA LEU A 175 18.52 -20.99 -33.99
C LEU A 175 19.06 -20.24 -32.77
N ILE A 176 19.99 -19.33 -33.02
CA ILE A 176 20.59 -18.42 -32.01
C ILE A 176 19.69 -17.19 -31.97
N PRO A 177 19.08 -16.82 -30.82
CA PRO A 177 18.22 -15.63 -30.79
C PRO A 177 18.99 -14.36 -31.19
N THR A 178 18.28 -13.39 -31.77
CA THR A 178 18.83 -12.08 -32.19
C THR A 178 19.14 -11.27 -30.93
N PRO A 179 20.08 -10.29 -30.98
CA PRO A 179 20.40 -9.46 -29.81
C PRO A 179 19.20 -8.80 -29.10
N ASP A 180 18.27 -8.20 -29.88
CA ASP A 180 17.07 -7.49 -29.34
C ASP A 180 16.17 -8.49 -28.59
N ASP A 181 15.87 -9.64 -29.18
CA ASP A 181 15.00 -10.68 -28.55
C ASP A 181 15.69 -11.22 -27.30
N TYR A 182 16.99 -11.52 -27.38
CA TYR A 182 17.75 -12.16 -26.29
C TYR A 182 17.82 -11.23 -25.08
N VAL A 183 18.22 -9.96 -25.27
CA VAL A 183 18.42 -9.07 -24.09
C VAL A 183 17.05 -8.87 -23.39
N LEU A 184 15.95 -8.75 -24.14
CA LEU A 184 14.59 -8.64 -23.54
C LEU A 184 14.31 -9.90 -22.71
N MET A 185 14.44 -11.07 -23.32
CA MET A 185 14.03 -12.35 -22.70
C MET A 185 15.01 -12.75 -21.59
N ARG A 186 16.27 -12.31 -21.66
CA ARG A 186 17.31 -12.70 -20.66
C ARG A 186 16.94 -12.11 -19.29
N ARG A 187 16.19 -11.03 -19.25
CA ARG A 187 15.71 -10.45 -17.96
C ARG A 187 14.73 -11.41 -17.28
N ILE A 188 14.04 -12.29 -18.01
CA ILE A 188 13.01 -13.17 -17.36
C ILE A 188 13.41 -14.65 -17.43
N THR A 189 14.34 -15.07 -18.30
CA THR A 189 14.74 -16.51 -18.39
C THR A 189 15.64 -16.92 -17.21
N GLY A 190 16.19 -15.95 -16.47
CA GLY A 190 17.28 -16.18 -15.50
C GLY A 190 16.84 -16.26 -14.05
N ALA A 191 15.58 -15.90 -13.74
CA ALA A 191 14.94 -16.02 -12.40
C ALA A 191 15.45 -14.96 -11.42
N THR A 192 16.26 -14.01 -11.89
CA THR A 192 16.85 -12.97 -11.01
C THR A 192 15.72 -12.21 -10.30
N TYR A 193 14.63 -11.87 -11.01
CA TYR A 193 13.49 -11.14 -10.42
C TYR A 193 12.89 -11.91 -9.23
N THR A 194 12.91 -13.24 -9.27
CA THR A 194 12.34 -14.08 -8.17
C THR A 194 13.18 -13.90 -6.89
N CYS A 195 14.45 -13.54 -7.02
CA CYS A 195 15.37 -13.32 -5.88
C CYS A 195 15.24 -11.87 -5.40
N PHE A 196 15.06 -10.92 -6.32
CA PHE A 196 14.82 -9.49 -5.99
C PHE A 196 13.52 -9.38 -5.18
N ALA A 197 12.54 -10.23 -5.49
CA ALA A 197 11.21 -10.26 -4.83
C ALA A 197 11.34 -10.67 -3.35
N LEU A 198 12.50 -11.20 -2.92
CA LEU A 198 12.69 -11.67 -1.53
C LEU A 198 13.63 -10.73 -0.77
N ILE A 199 14.07 -9.62 -1.37
CA ILE A 199 15.01 -8.66 -0.72
C ILE A 199 14.28 -8.03 0.48
N ASP A 200 13.10 -7.45 0.28
CA ASP A 200 12.36 -6.79 1.38
C ASP A 200 11.92 -7.88 2.38
N VAL A 201 11.40 -9.00 1.90
CA VAL A 201 10.95 -10.14 2.77
C VAL A 201 12.12 -10.55 3.67
N GLY A 202 13.29 -10.80 3.07
CA GLY A 202 14.52 -11.22 3.78
C GLY A 202 14.92 -10.23 4.85
N GLY A 203 14.77 -8.93 4.58
CA GLY A 203 15.14 -7.83 5.51
C GLY A 203 14.04 -7.47 6.50
N GLY A 204 12.90 -8.19 6.46
CA GLY A 204 11.78 -7.98 7.41
C GLY A 204 10.97 -6.74 7.12
N TYR A 205 11.06 -6.15 5.92
CA TYR A 205 10.27 -4.95 5.53
C TYR A 205 9.49 -5.25 4.25
N ARG A 206 8.76 -4.26 3.75
CA ARG A 206 7.78 -4.47 2.66
C ARG A 206 7.62 -3.17 1.88
N LEU A 207 8.02 -3.17 0.62
CA LEU A 207 7.75 -2.02 -0.30
C LEU A 207 6.26 -2.03 -0.62
N GLU A 208 5.63 -0.87 -0.52
CA GLU A 208 4.19 -0.69 -0.88
C GLU A 208 4.10 -0.61 -2.40
N ALA A 209 2.88 -0.72 -2.93
CA ALA A 209 2.60 -0.87 -4.39
C ALA A 209 3.40 0.17 -5.18
N GLU A 210 3.25 1.45 -4.85
CA GLU A 210 3.80 2.54 -5.70
C GLU A 210 5.30 2.69 -5.43
N GLU A 211 5.82 2.17 -4.32
CA GLU A 211 7.28 2.12 -4.09
C GLU A 211 7.87 1.08 -5.04
N TRP A 212 7.37 -0.15 -4.96
CA TRP A 212 7.85 -1.30 -5.76
C TRP A 212 7.74 -1.00 -7.25
N HIS A 213 6.62 -0.46 -7.69
CA HIS A 213 6.24 -0.32 -9.12
C HIS A 213 6.65 1.06 -9.65
N HIS A 214 7.31 1.91 -8.85
CA HIS A 214 7.75 3.24 -9.34
C HIS A 214 8.69 3.03 -10.52
N PRO A 215 8.50 3.78 -11.64
CA PRO A 215 9.39 3.65 -12.79
C PRO A 215 10.90 3.65 -12.47
N ASP A 216 11.33 4.50 -11.53
CA ASP A 216 12.76 4.60 -11.10
C ASP A 216 13.20 3.29 -10.45
N VAL A 217 12.35 2.69 -9.61
CA VAL A 217 12.64 1.42 -8.89
C VAL A 217 12.65 0.27 -9.90
N ARG A 218 11.67 0.24 -10.81
CA ARG A 218 11.60 -0.77 -11.91
C ARG A 218 12.82 -0.62 -12.82
N THR A 219 13.24 0.60 -13.15
CA THR A 219 14.40 0.87 -14.04
C THR A 219 15.67 0.30 -13.39
N LEU A 220 15.92 0.63 -12.12
CA LEU A 220 17.10 0.13 -11.36
C LEU A 220 17.05 -1.40 -11.28
N SER A 221 15.87 -1.97 -11.01
CA SER A 221 15.65 -3.44 -10.96
C SER A 221 16.00 -4.05 -12.32
N ASP A 222 15.52 -3.45 -13.42
CA ASP A 222 15.76 -3.96 -14.79
C ASP A 222 17.26 -3.90 -15.11
N LEU A 223 17.92 -2.78 -14.80
CA LEU A 223 19.38 -2.61 -15.04
C LEU A 223 20.17 -3.63 -14.20
N ALA A 224 19.79 -3.83 -12.94
CA ALA A 224 20.43 -4.83 -12.05
C ALA A 224 20.27 -6.20 -12.69
N CYS A 225 19.07 -6.49 -13.17
CA CYS A 225 18.74 -7.78 -13.81
C CYS A 225 19.61 -7.98 -15.07
N ASP A 226 19.72 -6.95 -15.90
CA ASP A 226 20.60 -6.96 -17.10
C ASP A 226 22.03 -7.32 -16.65
N LEU A 227 22.57 -6.59 -15.68
CA LEU A 227 23.97 -6.77 -15.23
C LEU A 227 24.17 -8.23 -14.82
N ILE A 228 23.28 -8.79 -14.00
CA ILE A 228 23.44 -10.17 -13.47
C ILE A 228 23.39 -11.17 -14.63
N GLY A 229 22.45 -11.03 -15.56
CA GLY A 229 22.28 -11.93 -16.71
C GLY A 229 23.50 -11.91 -17.62
N TRP A 230 23.98 -10.73 -17.97
CA TRP A 230 25.13 -10.51 -18.88
C TRP A 230 26.43 -10.96 -18.20
N ASP A 231 26.60 -10.64 -16.92
CA ASP A 231 27.79 -11.04 -16.12
C ASP A 231 27.83 -12.56 -16.06
N ASN A 232 26.69 -13.21 -15.80
CA ASN A 232 26.62 -14.69 -15.82
C ASN A 232 26.95 -15.18 -17.24
N ASP A 233 26.42 -14.53 -18.28
CA ASP A 233 26.70 -14.95 -19.68
C ASP A 233 28.21 -14.93 -19.91
N LEU A 234 28.90 -13.84 -19.55
CA LEU A 234 30.36 -13.69 -19.77
C LEU A 234 31.10 -14.87 -19.12
N LEU A 235 30.84 -15.14 -17.83
CA LEU A 235 31.66 -16.07 -17.01
C LEU A 235 31.20 -17.51 -17.18
N SER A 236 29.92 -17.76 -17.51
CA SER A 236 29.38 -19.13 -17.72
C SER A 236 29.53 -19.56 -19.19
N TYR A 237 30.03 -18.67 -20.05
CA TYR A 237 30.16 -18.95 -21.51
C TYR A 237 30.91 -20.27 -21.72
N ALA A 238 32.06 -20.46 -21.06
CA ALA A 238 32.94 -21.62 -21.30
C ALA A 238 32.18 -22.91 -20.98
N LYS A 239 31.52 -22.98 -19.83
CA LYS A 239 30.82 -24.24 -19.44
C LYS A 239 29.62 -24.44 -20.37
N GLU A 240 29.01 -23.36 -20.86
CA GLU A 240 27.81 -23.44 -21.72
C GLU A 240 28.17 -23.90 -23.14
N ARG A 241 29.42 -23.77 -23.59
CA ARG A 241 29.82 -24.33 -24.91
C ARG A 241 29.62 -25.86 -24.93
N GLY A 242 29.67 -26.49 -23.75
CA GLY A 242 29.53 -27.96 -23.62
C GLY A 242 28.09 -28.44 -23.65
N ASN A 243 27.11 -27.52 -23.65
CA ASN A 243 25.66 -27.88 -23.69
C ASN A 243 24.91 -26.93 -24.65
N ASP A 244 24.42 -27.46 -25.75
CA ASP A 244 23.51 -26.75 -26.69
C ASP A 244 24.22 -25.52 -27.27
N LYS A 245 25.52 -25.64 -27.58
CA LYS A 245 26.30 -24.63 -28.34
C LYS A 245 26.28 -23.27 -27.64
N ALA A 246 26.11 -23.25 -26.32
CA ALA A 246 25.99 -22.01 -25.52
C ALA A 246 24.97 -21.08 -26.17
N ARG A 247 23.82 -21.63 -26.59
CA ARG A 247 22.82 -20.92 -27.43
C ARG A 247 22.29 -19.70 -26.68
N HIS A 248 21.95 -19.86 -25.40
CA HIS A 248 21.35 -18.79 -24.57
C HIS A 248 22.47 -18.09 -23.79
N ASN A 249 23.19 -17.23 -24.50
CA ASN A 249 24.40 -16.55 -23.98
C ASN A 249 24.68 -15.35 -24.87
N LEU A 250 24.78 -14.16 -24.28
CA LEU A 250 25.01 -12.89 -25.02
C LEU A 250 26.29 -12.99 -25.86
N VAL A 251 27.29 -13.75 -25.41
CA VAL A 251 28.57 -13.95 -26.17
C VAL A 251 28.24 -14.62 -27.50
N THR A 252 27.49 -15.72 -27.47
CA THR A 252 27.08 -16.50 -28.67
C THR A 252 26.20 -15.64 -29.57
N VAL A 253 25.25 -14.92 -28.97
CA VAL A 253 24.26 -14.06 -29.67
C VAL A 253 25.01 -12.96 -30.45
N LEU A 254 25.92 -12.25 -29.80
CA LEU A 254 26.67 -11.14 -30.45
C LEU A 254 27.66 -11.70 -31.48
N ALA A 255 28.39 -12.77 -31.15
CA ALA A 255 29.37 -13.42 -32.06
C ALA A 255 28.65 -13.82 -33.36
N THR A 256 27.49 -14.46 -33.22
CA THR A 256 26.67 -14.99 -34.34
C THR A 256 26.12 -13.83 -35.18
N HIS A 257 25.40 -12.88 -34.55
CA HIS A 257 24.54 -11.90 -35.26
C HIS A 257 25.34 -10.67 -35.69
N LYS A 258 26.53 -10.43 -35.11
CA LYS A 258 27.39 -9.28 -35.51
C LYS A 258 28.70 -9.79 -36.15
N SER A 259 28.83 -11.10 -36.35
CA SER A 259 30.01 -11.75 -36.99
C SER A 259 31.28 -11.31 -36.26
N LEU A 260 31.32 -11.50 -34.94
CA LEU A 260 32.47 -11.12 -34.07
C LEU A 260 33.31 -12.35 -33.77
N THR A 261 34.62 -12.14 -33.56
CA THR A 261 35.51 -13.11 -32.86
C THR A 261 35.00 -13.26 -31.43
N LEU A 262 35.32 -14.35 -30.75
CA LEU A 262 34.89 -14.56 -29.35
C LEU A 262 35.48 -13.44 -28.48
N GLN A 263 36.72 -13.02 -28.73
CA GLN A 263 37.38 -11.95 -27.95
C GLN A 263 36.56 -10.65 -28.06
N ASP A 264 36.14 -10.30 -29.27
CA ASP A 264 35.37 -9.04 -29.53
C ASP A 264 33.97 -9.17 -28.93
N ALA A 265 33.36 -10.36 -28.97
CA ALA A 265 32.05 -10.63 -28.33
C ALA A 265 32.15 -10.39 -26.82
N LEU A 266 33.19 -10.94 -26.17
CA LEU A 266 33.44 -10.78 -24.71
C LEU A 266 33.56 -9.29 -24.40
N LEU A 267 34.29 -8.53 -25.23
CA LEU A 267 34.54 -7.09 -25.01
C LEU A 267 33.24 -6.28 -25.17
N GLU A 268 32.36 -6.69 -26.09
CA GLU A 268 31.07 -5.99 -26.32
C GLU A 268 30.15 -6.27 -25.12
N VAL A 269 30.20 -7.48 -24.54
CA VAL A 269 29.43 -7.80 -23.30
C VAL A 269 29.92 -6.89 -22.17
N ALA A 270 31.25 -6.74 -22.01
CA ALA A 270 31.84 -5.87 -20.96
C ALA A 270 31.39 -4.43 -21.18
N GLN A 271 31.39 -3.95 -22.43
CA GLN A 271 30.94 -2.57 -22.77
C GLN A 271 29.47 -2.42 -22.35
N MET A 272 28.62 -3.38 -22.67
CA MET A 272 27.18 -3.34 -22.29
C MET A 272 27.05 -3.31 -20.76
N HIS A 273 27.84 -4.09 -20.04
CA HIS A 273 27.92 -4.07 -18.55
C HIS A 273 28.25 -2.65 -18.08
N ASN A 274 29.30 -2.05 -18.63
CA ASN A 274 29.76 -0.69 -18.21
C ASN A 274 28.64 0.33 -18.46
N ASP A 275 27.93 0.21 -19.59
CA ASP A 275 26.80 1.11 -19.98
C ASP A 275 25.66 0.97 -18.95
N ALA A 276 25.32 -0.27 -18.57
CA ALA A 276 24.25 -0.56 -17.58
C ALA A 276 24.63 0.02 -16.20
N VAL A 277 25.91 -0.10 -15.80
CA VAL A 277 26.40 0.46 -14.51
C VAL A 277 26.22 1.99 -14.53
N ALA A 278 26.64 2.64 -15.62
CA ALA A 278 26.51 4.11 -15.80
C ALA A 278 25.04 4.52 -15.75
N ALA A 279 24.16 3.79 -16.43
CA ALA A 279 22.68 4.03 -16.44
C ALA A 279 22.12 3.88 -15.02
N PHE A 280 22.57 2.86 -14.28
CA PHE A 280 22.15 2.60 -12.87
C PHE A 280 22.50 3.81 -12.00
N LEU A 281 23.75 4.28 -12.06
CA LEU A 281 24.24 5.42 -11.24
C LEU A 281 23.43 6.67 -11.57
N ASP A 282 23.12 6.89 -12.86
CA ASP A 282 22.33 8.06 -13.32
C ASP A 282 20.91 7.99 -12.74
N ARG A 283 20.22 6.87 -12.91
CA ARG A 283 18.82 6.72 -12.43
C ARG A 283 18.82 6.74 -10.90
N ARG A 284 19.84 6.19 -10.25
CA ARG A 284 19.93 6.18 -8.76
C ARG A 284 19.96 7.62 -8.22
N ALA A 285 20.67 8.52 -8.92
CA ALA A 285 20.78 9.96 -8.53
C ALA A 285 19.38 10.60 -8.53
N ALA A 286 18.55 10.29 -9.51
CA ALA A 286 17.15 10.78 -9.63
C ALA A 286 16.30 10.21 -8.49
N LEU A 287 16.42 8.91 -8.22
CA LEU A 287 15.64 8.22 -7.17
C LEU A 287 16.03 8.78 -5.79
N ASP A 288 17.30 9.13 -5.60
CA ASP A 288 17.85 9.67 -4.33
C ASP A 288 17.05 10.90 -3.89
N ARG A 289 16.46 11.64 -4.84
CA ARG A 289 15.77 12.92 -4.54
C ARG A 289 14.40 12.68 -3.90
N TRP A 290 13.77 11.50 -4.07
CA TRP A 290 12.42 11.21 -3.50
C TRP A 290 12.39 9.98 -2.59
N ALA A 291 13.37 9.07 -2.67
CA ALA A 291 13.30 7.70 -2.10
C ALA A 291 13.07 7.73 -0.58
N THR A 292 12.13 6.89 -0.12
CA THR A 292 11.87 6.58 1.30
C THR A 292 12.91 5.57 1.80
N LEU A 293 13.05 5.40 3.12
CA LEU A 293 14.02 4.45 3.71
C LEU A 293 13.83 3.05 3.12
N PRO A 294 12.61 2.48 3.07
CA PRO A 294 12.41 1.13 2.52
C PRO A 294 12.92 0.99 1.07
N VAL A 295 12.69 2.02 0.26
CA VAL A 295 13.15 2.06 -1.16
C VAL A 295 14.68 2.07 -1.18
N ARG A 296 15.32 2.88 -0.32
CA ARG A 296 16.80 2.97 -0.25
C ARG A 296 17.39 1.60 0.13
N LYS A 297 16.76 0.91 1.09
CA LYS A 297 17.22 -0.43 1.55
C LYS A 297 17.14 -1.41 0.37
N TYR A 298 16.03 -1.39 -0.38
CA TYR A 298 15.81 -2.28 -1.55
C TYR A 298 16.89 -2.02 -2.61
N VAL A 299 17.18 -0.75 -2.90
CA VAL A 299 18.17 -0.36 -3.95
C VAL A 299 19.57 -0.78 -3.51
N ARG A 300 19.91 -0.61 -2.23
CA ARG A 300 21.16 -1.15 -1.64
C ARG A 300 21.18 -2.67 -1.82
N GLY A 301 20.01 -3.32 -1.67
CA GLY A 301 19.82 -4.76 -1.97
C GLY A 301 20.23 -5.09 -3.39
N LEU A 302 19.78 -4.31 -4.38
CA LEU A 302 20.14 -4.50 -5.81
C LEU A 302 21.65 -4.40 -5.98
N GLU A 303 22.27 -3.40 -5.36
CA GLU A 303 23.73 -3.12 -5.47
C GLU A 303 24.51 -4.31 -4.92
N HIS A 304 24.15 -4.79 -3.73
CA HIS A 304 24.77 -5.98 -3.09
C HIS A 304 24.61 -7.19 -4.03
N TRP A 305 23.42 -7.34 -4.63
CA TRP A 305 23.11 -8.50 -5.50
C TRP A 305 24.08 -8.49 -6.69
N VAL A 306 24.12 -7.38 -7.43
CA VAL A 306 24.97 -7.24 -8.64
C VAL A 306 26.43 -7.52 -8.26
N ARG A 307 26.96 -6.88 -7.22
CA ARG A 307 28.40 -6.97 -6.86
C ARG A 307 28.73 -8.37 -6.31
N GLY A 308 27.88 -8.88 -5.42
CA GLY A 308 28.03 -10.22 -4.82
C GLY A 308 28.01 -11.30 -5.88
N HIS A 309 27.13 -11.14 -6.88
CA HIS A 309 26.99 -12.09 -8.01
C HIS A 309 28.28 -12.12 -8.84
N ILE A 310 28.89 -10.96 -9.13
CA ILE A 310 30.17 -10.91 -9.89
C ILE A 310 31.21 -11.76 -9.14
N ALA A 311 31.36 -11.53 -7.84
CA ALA A 311 32.34 -12.24 -6.97
C ALA A 311 32.07 -13.74 -7.03
N PHE A 312 30.81 -14.15 -6.93
CA PHE A 312 30.41 -15.58 -7.02
C PHE A 312 30.80 -16.17 -8.38
N SER A 313 30.44 -15.50 -9.47
CA SER A 313 30.60 -16.02 -10.86
C SER A 313 32.10 -16.14 -11.20
N LEU A 314 32.92 -15.21 -10.72
CA LEU A 314 34.40 -15.22 -10.94
C LEU A 314 35.05 -16.37 -10.17
N GLY A 315 34.41 -16.90 -9.12
CA GLY A 315 35.03 -17.83 -8.15
C GLY A 315 34.41 -19.22 -8.10
N SER A 316 33.21 -19.42 -8.67
CA SER A 316 32.45 -20.69 -8.53
C SER A 316 33.02 -21.78 -9.45
N ALA A 317 33.23 -22.98 -8.91
CA ALA A 317 33.63 -24.20 -9.66
C ALA A 317 32.62 -24.51 -10.78
N ARG A 318 31.39 -24.02 -10.67
CA ARG A 318 30.35 -24.16 -11.72
C ARG A 318 30.87 -23.59 -13.05
N TYR A 319 31.67 -22.53 -13.00
CA TYR A 319 32.06 -21.72 -14.19
C TYR A 319 33.56 -21.83 -14.49
N VAL A 320 34.41 -21.80 -13.47
CA VAL A 320 35.88 -21.55 -13.62
C VAL A 320 36.54 -22.67 -14.45
N GLY A 321 36.23 -23.93 -14.16
CA GLY A 321 36.97 -25.12 -14.66
C GLY A 321 36.82 -25.31 -16.16
N ALA A 322 35.72 -24.85 -16.75
CA ALA A 322 35.42 -25.02 -18.18
C ALA A 322 36.30 -24.10 -19.04
N TRP A 323 36.87 -23.03 -18.46
CA TRP A 323 37.78 -22.13 -19.21
C TRP A 323 39.10 -22.86 -19.46
N PRO A 324 39.62 -22.85 -20.72
CA PRO A 324 40.94 -23.39 -21.00
C PRO A 324 42.02 -22.76 -20.10
N ASP A 325 43.04 -23.53 -19.75
CA ASP A 325 44.15 -23.13 -18.84
C ASP A 325 44.86 -21.87 -19.35
N ASP A 326 44.84 -21.61 -20.66
CA ASP A 326 45.56 -20.46 -21.26
C ASP A 326 44.67 -19.21 -21.24
N THR A 327 43.43 -19.29 -20.75
CA THR A 327 42.53 -18.12 -20.61
C THR A 327 43.13 -17.14 -19.61
N ARG A 328 43.25 -15.86 -19.96
CA ARG A 328 43.74 -14.80 -19.03
C ARG A 328 42.54 -14.18 -18.32
N TRP A 329 42.62 -14.03 -17.01
CA TRP A 329 41.52 -13.48 -16.17
C TRP A 329 41.81 -12.02 -15.85
N PRO A 330 40.77 -11.20 -15.53
CA PRO A 330 40.96 -9.78 -15.21
C PRO A 330 41.42 -9.52 -13.78
N PRO B 12 -32.34 -33.88 -29.67
CA PRO B 12 -32.06 -32.43 -29.56
C PRO B 12 -31.34 -32.07 -28.26
N LEU B 13 -30.34 -31.18 -28.35
CA LEU B 13 -29.53 -30.71 -27.19
C LEU B 13 -30.34 -29.69 -26.38
N HIS B 14 -30.20 -29.74 -25.06
CA HIS B 14 -30.72 -28.73 -24.09
C HIS B 14 -29.52 -28.00 -23.49
N ILE B 15 -29.39 -26.70 -23.75
CA ILE B 15 -28.37 -25.83 -23.08
C ILE B 15 -28.84 -25.60 -21.65
N PRO B 16 -28.08 -26.04 -20.62
CA PRO B 16 -28.48 -25.81 -19.24
C PRO B 16 -28.44 -24.32 -18.90
N PRO B 17 -29.29 -23.86 -17.95
CA PRO B 17 -29.23 -22.47 -17.50
C PRO B 17 -27.93 -22.20 -16.73
N LEU B 18 -27.51 -20.94 -16.71
CA LEU B 18 -26.35 -20.43 -15.95
C LEU B 18 -26.84 -19.44 -14.91
N PRO B 19 -27.48 -19.94 -13.82
CA PRO B 19 -28.07 -19.07 -12.81
C PRO B 19 -26.99 -18.22 -12.14
N CYS B 20 -27.35 -17.00 -11.78
CA CYS B 20 -26.40 -15.99 -11.27
C CYS B 20 -27.20 -14.91 -10.55
N PRO B 21 -27.06 -14.76 -9.21
CA PRO B 21 -27.88 -13.81 -8.45
C PRO B 21 -27.36 -12.37 -8.51
N PHE B 22 -26.30 -12.12 -9.29
CA PHE B 22 -25.62 -10.81 -9.39
C PHE B 22 -26.47 -9.85 -10.24
N PRO B 23 -26.37 -8.52 -10.02
CA PRO B 23 -27.14 -7.55 -10.79
C PRO B 23 -26.74 -7.58 -12.26
N SER B 24 -27.71 -7.58 -13.18
CA SER B 24 -27.47 -7.45 -14.64
C SER B 24 -27.70 -5.99 -15.04
N GLU B 25 -26.63 -5.28 -15.39
CA GLU B 25 -26.67 -3.83 -15.69
C GLU B 25 -25.92 -3.57 -17.01
N ILE B 26 -26.12 -2.39 -17.57
CA ILE B 26 -25.41 -1.97 -18.81
C ILE B 26 -25.04 -0.49 -18.68
N ASN B 27 -23.85 -0.13 -19.17
CA ASN B 27 -23.37 1.27 -19.21
C ASN B 27 -24.32 2.08 -20.10
N GLU B 28 -24.73 3.27 -19.65
CA GLU B 28 -25.62 4.19 -20.40
C GLU B 28 -24.98 4.60 -21.73
N HIS B 29 -23.64 4.50 -21.87
CA HIS B 29 -22.87 4.93 -23.06
C HIS B 29 -22.66 3.78 -24.06
N ALA B 30 -23.31 2.63 -23.85
CA ALA B 30 -23.11 1.38 -24.63
C ALA B 30 -23.15 1.67 -26.14
N ASP B 31 -24.23 2.27 -26.64
CA ASP B 31 -24.50 2.38 -28.10
C ASP B 31 -23.39 3.22 -28.76
N ALA B 32 -23.12 4.41 -28.22
CA ALA B 32 -22.14 5.36 -28.79
C ALA B 32 -20.74 4.75 -28.76
N VAL B 33 -20.35 4.17 -27.62
CA VAL B 33 -18.95 3.73 -27.41
C VAL B 33 -18.69 2.48 -28.26
N ASP B 34 -19.65 1.55 -28.33
CA ASP B 34 -19.54 0.32 -29.15
C ASP B 34 -19.18 0.71 -30.59
N GLU B 35 -19.92 1.66 -31.17
CA GLU B 35 -19.70 2.15 -32.56
C GLU B 35 -18.32 2.81 -32.64
N GLU B 36 -18.01 3.67 -31.68
CA GLU B 36 -16.71 4.41 -31.64
C GLU B 36 -15.55 3.40 -31.58
N SER B 37 -15.63 2.43 -30.67
CA SER B 37 -14.58 1.40 -30.48
C SER B 37 -14.51 0.48 -31.71
N HIS B 38 -15.64 0.18 -32.34
CA HIS B 38 -15.62 -0.66 -33.57
C HIS B 38 -14.87 0.09 -34.67
N THR B 39 -15.12 1.39 -34.81
CA THR B 39 -14.48 2.26 -35.82
C THR B 39 -12.96 2.26 -35.58
N TRP B 40 -12.55 2.34 -34.32
CA TRP B 40 -11.14 2.27 -33.88
C TRP B 40 -10.52 0.96 -34.37
N LEU B 41 -11.19 -0.17 -34.12
CA LEU B 41 -10.74 -1.52 -34.54
C LEU B 41 -10.58 -1.55 -36.06
N ALA B 42 -11.57 -1.05 -36.81
CA ALA B 42 -11.54 -1.01 -38.30
C ALA B 42 -10.32 -0.21 -38.76
N ALA B 43 -10.06 0.95 -38.15
CA ALA B 43 -8.96 1.88 -38.52
C ALA B 43 -7.58 1.27 -38.19
N SER B 44 -7.51 0.33 -37.24
CA SER B 44 -6.24 -0.23 -36.71
C SER B 44 -5.56 -1.17 -37.74
N HIS B 45 -6.35 -1.75 -38.64
CA HIS B 45 -5.92 -2.79 -39.63
C HIS B 45 -5.43 -4.06 -38.92
N MET B 46 -5.87 -4.30 -37.68
CA MET B 46 -5.55 -5.56 -36.95
C MET B 46 -6.23 -6.75 -37.63
N LEU B 47 -7.41 -6.54 -38.22
CA LEU B 47 -8.16 -7.57 -39.00
C LEU B 47 -7.91 -7.35 -40.50
N LYS B 48 -7.58 -8.41 -41.22
CA LYS B 48 -7.22 -8.36 -42.67
C LYS B 48 -8.51 -8.30 -43.50
N GLY B 49 -9.46 -9.21 -43.25
CA GLY B 49 -10.69 -9.36 -44.05
C GLY B 49 -11.76 -8.35 -43.67
N ALA B 50 -12.44 -7.77 -44.68
CA ALA B 50 -13.65 -6.94 -44.52
C ALA B 50 -14.76 -7.79 -43.88
N ASP B 51 -14.84 -9.07 -44.26
CA ASP B 51 -15.80 -10.05 -43.69
C ASP B 51 -15.53 -10.21 -42.19
N THR B 52 -14.27 -10.29 -41.78
CA THR B 52 -13.85 -10.44 -40.36
C THR B 52 -14.29 -9.19 -39.59
N VAL B 53 -14.04 -8.01 -40.15
CA VAL B 53 -14.44 -6.69 -39.55
C VAL B 53 -15.97 -6.70 -39.34
N GLU B 54 -16.74 -7.18 -40.32
CA GLU B 54 -18.22 -7.21 -40.25
C GLU B 54 -18.67 -8.22 -39.18
N HIS B 55 -18.02 -9.38 -39.06
CA HIS B 55 -18.39 -10.41 -38.06
C HIS B 55 -18.21 -9.83 -36.65
N PHE B 56 -17.10 -9.11 -36.42
CA PHE B 56 -16.84 -8.36 -35.16
C PHE B 56 -17.96 -7.35 -34.93
N ARG B 57 -18.31 -6.55 -35.95
CA ARG B 57 -19.36 -5.49 -35.83
C ARG B 57 -20.66 -6.14 -35.34
N ARG B 58 -21.04 -7.27 -35.94
CA ARG B 58 -22.32 -7.98 -35.64
C ARG B 58 -22.32 -8.53 -34.21
N SER B 59 -21.14 -8.90 -33.70
CA SER B 59 -20.91 -9.48 -32.35
C SER B 59 -21.16 -8.44 -31.25
N LYS B 60 -21.10 -7.15 -31.60
CA LYS B 60 -21.39 -6.02 -30.66
C LYS B 60 -20.48 -6.17 -29.42
N ILE B 61 -19.17 -6.19 -29.65
CA ILE B 61 -18.13 -6.31 -28.58
C ILE B 61 -18.38 -5.23 -27.52
N GLY B 62 -18.82 -4.05 -27.94
CA GLY B 62 -19.09 -2.91 -27.04
C GLY B 62 -20.22 -3.19 -26.07
N THR B 63 -21.13 -4.09 -26.42
CA THR B 63 -22.21 -4.57 -25.52
C THR B 63 -21.56 -5.36 -24.38
N LEU B 64 -20.55 -6.19 -24.66
CA LEU B 64 -19.81 -6.92 -23.59
C LEU B 64 -19.12 -5.89 -22.69
N ALA B 65 -18.42 -4.92 -23.28
CA ALA B 65 -17.72 -3.85 -22.53
C ALA B 65 -18.72 -3.13 -21.62
N ALA B 66 -19.90 -2.74 -22.12
CA ALA B 66 -20.88 -1.93 -21.37
C ALA B 66 -21.55 -2.75 -20.27
N ARG B 67 -21.84 -4.03 -20.54
CA ARG B 67 -22.52 -4.92 -19.56
C ARG B 67 -21.54 -5.30 -18.44
N THR B 68 -20.25 -5.45 -18.76
CA THR B 68 -19.22 -5.91 -17.79
C THR B 68 -18.69 -4.72 -16.98
N ASN B 69 -18.86 -3.50 -17.46
CA ASN B 69 -18.37 -2.26 -16.80
C ASN B 69 -19.51 -1.22 -16.78
N PRO B 70 -20.66 -1.51 -16.14
CA PRO B 70 -21.86 -0.68 -16.24
C PRO B 70 -21.79 0.69 -15.52
N THR B 71 -20.79 0.91 -14.65
CA THR B 71 -20.71 2.11 -13.79
C THR B 71 -19.69 3.15 -14.32
N VAL B 72 -18.80 2.76 -15.23
CA VAL B 72 -17.59 3.58 -15.53
C VAL B 72 -17.98 4.77 -16.41
N PRO B 73 -17.26 5.91 -16.31
CA PRO B 73 -17.50 7.05 -17.20
C PRO B 73 -17.18 6.71 -18.67
N ARG B 74 -17.69 7.52 -19.61
CA ARG B 74 -17.64 7.23 -21.07
C ARG B 74 -16.20 6.99 -21.52
N ASP B 75 -15.24 7.82 -21.09
CA ASP B 75 -13.82 7.72 -21.54
C ASP B 75 -13.21 6.39 -21.05
N SER B 76 -13.58 5.91 -19.86
CA SER B 76 -13.14 4.59 -19.34
C SER B 76 -13.73 3.47 -20.18
N LEU B 77 -15.03 3.54 -20.45
CA LEU B 77 -15.73 2.49 -21.25
C LEU B 77 -15.06 2.40 -22.62
N ARG B 78 -14.74 3.55 -23.23
CA ARG B 78 -14.14 3.60 -24.59
C ARG B 78 -12.77 2.90 -24.54
N LEU B 79 -11.95 3.21 -23.54
CA LEU B 79 -10.60 2.60 -23.35
C LEU B 79 -10.75 1.08 -23.18
N ILE B 80 -11.65 0.65 -22.31
CA ILE B 80 -11.90 -0.79 -22.02
C ILE B 80 -12.44 -1.48 -23.28
N ASN B 81 -13.37 -0.82 -23.99
CA ASN B 81 -13.95 -1.36 -25.26
C ASN B 81 -12.83 -1.57 -26.29
N ASP B 82 -11.90 -0.60 -26.45
CA ASP B 82 -10.77 -0.71 -27.40
C ASP B 82 -9.91 -1.92 -27.00
N TRP B 83 -9.67 -2.10 -25.70
CA TRP B 83 -8.88 -3.23 -25.17
C TRP B 83 -9.59 -4.55 -25.52
N TYR B 84 -10.90 -4.65 -25.33
CA TYR B 84 -11.67 -5.89 -25.66
C TYR B 84 -11.52 -6.19 -27.15
N ASN B 85 -11.61 -5.16 -27.99
CA ASN B 85 -11.49 -5.27 -29.46
C ASN B 85 -10.09 -5.78 -29.83
N TRP B 86 -9.04 -5.25 -29.21
CA TRP B 86 -7.64 -5.72 -29.40
C TRP B 86 -7.57 -7.22 -29.09
N LEU B 87 -8.11 -7.63 -27.94
CA LEU B 87 -8.06 -9.04 -27.46
C LEU B 87 -8.79 -9.95 -28.44
N PHE B 88 -10.04 -9.63 -28.82
CA PHE B 88 -10.81 -10.47 -29.78
C PHE B 88 -10.02 -10.60 -31.09
N ALA B 89 -9.51 -9.49 -31.62
CA ALA B 89 -8.73 -9.45 -32.88
C ALA B 89 -7.48 -10.31 -32.73
N PHE B 90 -6.72 -10.10 -31.67
CA PHE B 90 -5.43 -10.79 -31.40
C PHE B 90 -5.69 -12.29 -31.24
N ASP B 91 -6.69 -12.65 -30.43
CA ASP B 91 -7.06 -14.04 -30.13
C ASP B 91 -7.36 -14.77 -31.44
N ASP B 92 -8.17 -14.15 -32.32
CA ASP B 92 -8.61 -14.75 -33.60
C ASP B 92 -7.41 -14.78 -34.57
N ALA B 93 -6.57 -13.73 -34.61
CA ALA B 93 -5.56 -13.53 -35.69
C ALA B 93 -4.22 -14.21 -35.35
N PHE B 94 -3.73 -14.06 -34.12
CA PHE B 94 -2.46 -14.68 -33.64
C PHE B 94 -2.73 -16.13 -33.25
N CYS B 95 -3.48 -16.29 -32.15
CA CYS B 95 -3.58 -17.55 -31.38
C CYS B 95 -4.35 -18.57 -32.22
N GLU B 96 -5.65 -18.33 -32.43
CA GLU B 96 -6.60 -19.32 -32.98
C GLU B 96 -6.55 -19.25 -34.51
N HIS B 102 -0.81 -23.49 -33.97
CA HIS B 102 -0.30 -24.57 -34.85
C HIS B 102 1.02 -25.14 -34.30
N ARG B 103 2.07 -24.31 -34.21
CA ARG B 103 3.43 -24.71 -33.72
C ARG B 103 3.88 -23.79 -32.59
N ALA B 104 4.05 -24.37 -31.41
CA ALA B 104 4.37 -23.66 -30.15
C ALA B 104 5.64 -22.82 -30.33
N SER B 105 6.66 -23.38 -30.98
CA SER B 105 8.00 -22.76 -31.15
C SER B 105 7.89 -21.43 -31.90
N ALA B 106 7.20 -21.42 -33.05
CA ALA B 106 7.07 -20.22 -33.92
C ALA B 106 6.34 -19.12 -33.15
N LEU B 107 5.32 -19.49 -32.38
CA LEU B 107 4.47 -18.50 -31.66
C LEU B 107 5.23 -17.97 -30.45
N ALA B 108 5.95 -18.83 -29.72
CA ALA B 108 6.82 -18.40 -28.60
C ALA B 108 7.86 -17.39 -29.12
N ARG B 109 8.44 -17.66 -30.29
CA ARG B 109 9.52 -16.80 -30.87
C ARG B 109 8.92 -15.48 -31.39
N ALA B 110 7.60 -15.41 -31.61
CA ALA B 110 6.92 -14.18 -32.08
C ALA B 110 6.67 -13.21 -30.91
N LEU B 111 6.78 -13.64 -29.65
CA LEU B 111 6.31 -12.85 -28.49
C LEU B 111 7.26 -11.69 -28.17
N PRO B 112 8.60 -11.85 -28.15
CA PRO B 112 9.49 -10.78 -27.66
C PRO B 112 9.32 -9.39 -28.28
N PRO B 113 9.16 -9.25 -29.62
CA PRO B 113 8.83 -7.95 -30.22
C PRO B 113 7.62 -7.26 -29.56
N LEU B 114 6.58 -8.04 -29.26
CA LEU B 114 5.33 -7.54 -28.63
C LEU B 114 5.62 -7.18 -27.17
N LEU B 115 6.42 -7.99 -26.47
CA LEU B 115 6.82 -7.74 -25.06
C LEU B 115 7.63 -6.44 -24.97
N GLU B 116 8.52 -6.19 -25.95
CA GLU B 116 9.31 -4.93 -26.08
C GLU B 116 8.36 -3.73 -26.10
N ILE B 117 7.30 -3.80 -26.93
CA ILE B 117 6.30 -2.71 -27.06
C ILE B 117 5.55 -2.54 -25.74
N LEU B 118 5.10 -3.66 -25.16
CA LEU B 118 4.35 -3.70 -23.88
C LEU B 118 5.20 -3.08 -22.75
N ASP B 119 6.52 -3.27 -22.77
CA ASP B 119 7.44 -2.72 -21.74
C ASP B 119 7.83 -1.30 -22.12
N GLY B 120 7.37 -0.81 -23.28
CA GLY B 120 7.61 0.55 -23.78
C GLY B 120 9.07 0.77 -24.18
N ARG B 121 9.79 -0.31 -24.54
CA ARG B 121 11.25 -0.24 -24.84
C ARG B 121 11.47 -0.01 -26.34
N ARG B 122 10.42 0.00 -27.17
CA ARG B 122 10.60 0.10 -28.64
C ARG B 122 9.33 0.62 -29.32
N GLU B 123 9.52 1.51 -30.30
CA GLU B 123 8.46 1.97 -31.24
C GLU B 123 8.09 0.83 -32.17
N PRO B 124 6.78 0.51 -32.35
CA PRO B 124 6.38 -0.50 -33.32
C PRO B 124 6.70 -0.01 -34.75
N ASP B 125 6.95 -0.95 -35.67
CA ASP B 125 7.09 -0.65 -37.12
C ASP B 125 5.73 -0.17 -37.64
N GLY B 126 5.74 0.67 -38.68
CA GLY B 126 4.53 1.24 -39.31
C GLY B 126 3.57 0.19 -39.81
N SER B 127 4.06 -1.04 -40.03
CA SER B 127 3.31 -2.18 -40.63
C SER B 127 2.77 -3.12 -39.54
N ASP B 128 3.12 -2.89 -38.27
CA ASP B 128 2.76 -3.76 -37.12
C ASP B 128 1.44 -3.24 -36.50
N ALA B 129 0.30 -3.66 -37.05
CA ALA B 129 -1.06 -3.26 -36.60
C ALA B 129 -1.25 -3.53 -35.10
N PHE B 130 -0.96 -4.75 -34.64
CA PHE B 130 -1.17 -5.17 -33.22
C PHE B 130 -0.24 -4.38 -32.30
N GLY B 131 1.02 -4.19 -32.70
CA GLY B 131 2.02 -3.44 -31.92
C GLY B 131 1.65 -1.96 -31.77
N LEU B 132 1.24 -1.33 -32.87
CA LEU B 132 0.85 0.11 -32.88
C LEU B 132 -0.36 0.32 -31.96
N ALA B 133 -1.35 -0.57 -32.03
CA ALA B 133 -2.58 -0.49 -31.21
C ALA B 133 -2.23 -0.75 -29.73
N LEU B 134 -1.37 -1.73 -29.44
CA LEU B 134 -0.98 -2.08 -28.05
C LEU B 134 -0.21 -0.90 -27.43
N LYS B 135 0.71 -0.30 -28.19
CA LYS B 135 1.46 0.91 -27.75
C LYS B 135 0.45 2.00 -27.34
N GLU B 136 -0.52 2.28 -28.21
CA GLU B 136 -1.53 3.34 -27.97
C GLU B 136 -2.32 3.02 -26.69
N LEU B 137 -2.75 1.77 -26.52
CA LEU B 137 -3.53 1.35 -25.33
C LEU B 137 -2.69 1.50 -24.06
N LEU B 138 -1.40 1.09 -24.10
CA LEU B 138 -0.48 1.21 -22.94
C LEU B 138 -0.40 2.67 -22.53
N HIS B 139 -0.21 3.58 -23.49
CA HIS B 139 -0.10 5.04 -23.26
C HIS B 139 -1.41 5.57 -22.66
N ARG B 140 -2.56 5.14 -23.19
CA ARG B 140 -3.90 5.64 -22.76
C ARG B 140 -4.22 5.09 -21.35
N ILE B 141 -3.86 3.84 -21.06
CA ILE B 141 -4.02 3.26 -19.69
C ILE B 141 -3.09 4.04 -18.74
N SER B 142 -1.84 4.28 -19.13
CA SER B 142 -0.82 5.00 -18.32
C SER B 142 -1.30 6.42 -17.99
N ASP B 143 -2.10 7.02 -18.87
CA ASP B 143 -2.64 8.39 -18.67
C ASP B 143 -3.66 8.41 -17.52
N VAL B 144 -4.31 7.29 -17.19
CA VAL B 144 -5.44 7.25 -16.22
C VAL B 144 -5.17 6.23 -15.11
N ALA B 145 -3.95 5.72 -14.98
CA ALA B 145 -3.59 4.66 -14.00
C ALA B 145 -2.23 4.95 -13.36
N SER B 146 -2.05 4.51 -12.11
CA SER B 146 -0.77 4.55 -11.37
C SER B 146 0.19 3.53 -11.97
N PRO B 147 1.52 3.65 -11.76
CA PRO B 147 2.47 2.64 -12.24
C PRO B 147 2.15 1.23 -11.72
N ALA B 148 1.70 1.11 -10.47
CA ALA B 148 1.28 -0.19 -9.87
C ALA B 148 0.13 -0.78 -10.69
N GLN B 149 -0.86 0.04 -11.06
CA GLN B 149 -2.05 -0.40 -11.84
C GLN B 149 -1.58 -0.80 -13.24
N VAL B 150 -0.73 0.00 -13.87
CA VAL B 150 -0.18 -0.30 -15.22
C VAL B 150 0.54 -1.65 -15.18
N ASP B 151 1.40 -1.87 -14.18
CA ASP B 151 2.18 -3.13 -14.06
C ASP B 151 1.23 -4.30 -13.80
N ARG B 152 0.19 -4.08 -12.98
CA ARG B 152 -0.86 -5.09 -12.70
C ARG B 152 -1.45 -5.58 -14.03
N TRP B 153 -1.85 -4.64 -14.87
CA TRP B 153 -2.43 -4.91 -16.21
C TRP B 153 -1.39 -5.60 -17.10
N ARG B 154 -0.18 -5.04 -17.18
CA ARG B 154 0.93 -5.53 -18.03
C ARG B 154 1.26 -7.00 -17.69
N THR B 155 1.35 -7.32 -16.39
CA THR B 155 1.64 -8.69 -15.88
C THR B 155 0.58 -9.67 -16.41
N THR B 156 -0.70 -9.29 -16.33
CA THR B 156 -1.84 -10.14 -16.75
C THR B 156 -1.75 -10.35 -18.27
N VAL B 157 -1.38 -9.30 -19.03
CA VAL B 157 -1.25 -9.40 -20.51
C VAL B 157 -0.12 -10.39 -20.83
N LYS B 158 1.02 -10.28 -20.15
CA LYS B 158 2.20 -11.17 -20.37
C LYS B 158 1.78 -12.62 -20.13
N GLU B 159 1.09 -12.90 -19.01
CA GLU B 159 0.62 -14.28 -18.70
C GLU B 159 -0.29 -14.76 -19.81
N TYR B 160 -1.21 -13.90 -20.27
CA TYR B 160 -2.16 -14.20 -21.38
C TYR B 160 -1.37 -14.58 -22.65
N LEU B 161 -0.38 -13.76 -23.03
CA LEU B 161 0.44 -14.01 -24.25
C LEU B 161 1.12 -15.38 -24.15
N PHE B 162 1.78 -15.66 -23.02
CA PHE B 162 2.54 -16.93 -22.82
C PHE B 162 1.56 -18.10 -22.77
N ALA B 163 0.34 -17.90 -22.24
CA ALA B 163 -0.71 -18.93 -22.17
C ALA B 163 -1.13 -19.36 -23.58
N GLN B 164 -1.06 -18.47 -24.58
CA GLN B 164 -1.41 -18.79 -25.99
C GLN B 164 -0.42 -19.84 -26.53
N ILE B 165 0.81 -19.88 -26.03
CA ILE B 165 1.83 -20.88 -26.46
C ILE B 165 1.36 -22.26 -25.98
N TRP B 166 0.78 -22.33 -24.79
CA TRP B 166 0.23 -23.59 -24.24
C TRP B 166 -0.89 -24.11 -25.15
N GLU B 167 -1.79 -23.23 -25.61
CA GLU B 167 -2.86 -23.62 -26.57
C GLU B 167 -2.21 -24.17 -27.84
N ALA B 168 -1.22 -23.46 -28.38
CA ALA B 168 -0.48 -23.86 -29.61
C ALA B 168 0.16 -25.23 -29.41
N ALA B 169 0.67 -25.51 -28.20
CA ALA B 169 1.32 -26.78 -27.82
C ALA B 169 0.31 -27.93 -27.93
N ASN B 170 -0.92 -27.73 -27.46
CA ASN B 170 -1.97 -28.77 -27.48
C ASN B 170 -2.37 -29.05 -28.93
N ARG B 171 -2.51 -28.00 -29.74
CA ARG B 171 -2.84 -28.12 -31.19
C ARG B 171 -1.70 -28.89 -31.89
N GLU B 172 -0.45 -28.51 -31.62
CA GLU B 172 0.76 -29.10 -32.27
C GLU B 172 0.78 -30.62 -32.10
N VAL B 173 0.51 -31.12 -30.88
CA VAL B 173 0.57 -32.58 -30.57
C VAL B 173 -0.81 -33.21 -30.74
N ASP B 174 -1.81 -32.43 -31.15
CA ASP B 174 -3.22 -32.87 -31.37
C ASP B 174 -3.72 -33.62 -30.13
N LEU B 175 -3.63 -32.98 -28.96
CA LEU B 175 -4.19 -33.52 -27.69
C LEU B 175 -5.26 -32.56 -27.18
N ILE B 176 -6.35 -33.11 -26.64
CA ILE B 176 -7.33 -32.37 -25.80
C ILE B 176 -6.72 -32.28 -24.40
N PRO B 177 -6.52 -31.09 -23.81
CA PRO B 177 -5.94 -30.99 -22.47
C PRO B 177 -6.79 -31.73 -21.42
N THR B 178 -6.15 -32.22 -20.35
CA THR B 178 -6.82 -32.91 -19.22
C THR B 178 -7.60 -31.87 -18.41
N PRO B 179 -8.66 -32.28 -17.67
CA PRO B 179 -9.47 -31.35 -16.87
C PRO B 179 -8.65 -30.47 -15.93
N ASP B 180 -7.73 -31.08 -15.15
CA ASP B 180 -6.89 -30.37 -14.15
C ASP B 180 -6.04 -29.31 -14.86
N ASP B 181 -5.33 -29.67 -15.93
CA ASP B 181 -4.45 -28.73 -16.69
C ASP B 181 -5.31 -27.63 -17.30
N TYR B 182 -6.46 -27.98 -17.88
CA TYR B 182 -7.32 -27.04 -18.64
C TYR B 182 -7.90 -25.97 -17.70
N VAL B 183 -8.49 -26.39 -16.57
CA VAL B 183 -9.15 -25.49 -15.60
C VAL B 183 -8.11 -24.49 -15.06
N LEU B 184 -6.88 -24.93 -14.79
CA LEU B 184 -5.77 -24.05 -14.35
C LEU B 184 -5.47 -23.05 -15.47
N MET B 185 -5.22 -23.54 -16.68
CA MET B 185 -4.71 -22.68 -17.80
C MET B 185 -5.84 -21.80 -18.35
N ARG B 186 -7.10 -22.20 -18.23
CA ARG B 186 -8.26 -21.44 -18.77
C ARG B 186 -8.37 -20.08 -18.08
N ARG B 187 -7.92 -19.99 -16.83
CA ARG B 187 -7.92 -18.71 -16.07
C ARG B 187 -7.02 -17.67 -16.76
N ILE B 188 -5.97 -18.08 -17.48
CA ILE B 188 -5.03 -17.11 -18.11
C ILE B 188 -5.12 -17.13 -19.64
N THR B 189 -5.64 -18.20 -20.27
CA THR B 189 -5.76 -18.23 -21.76
C THR B 189 -6.83 -17.26 -22.26
N GLY B 190 -7.78 -16.88 -21.40
CA GLY B 190 -9.00 -16.12 -21.77
C GLY B 190 -8.84 -14.61 -21.62
N ALA B 191 -7.81 -14.15 -20.92
CA ALA B 191 -7.44 -12.72 -20.76
C ALA B 191 -8.39 -12.00 -19.79
N THR B 192 -9.26 -12.75 -19.10
CA THR B 192 -10.27 -12.17 -18.18
C THR B 192 -9.56 -11.32 -17.11
N TYR B 193 -8.42 -11.79 -16.59
CA TYR B 193 -7.63 -11.05 -15.56
C TYR B 193 -7.18 -9.68 -16.11
N THR B 194 -6.93 -9.56 -17.42
CA THR B 194 -6.46 -8.28 -18.03
C THR B 194 -7.62 -7.27 -18.00
N CYS B 195 -8.86 -7.75 -17.97
CA CYS B 195 -10.08 -6.91 -17.88
C CYS B 195 -10.40 -6.60 -16.42
N PHE B 196 -10.23 -7.56 -15.51
CA PHE B 196 -10.35 -7.33 -14.05
C PHE B 196 -9.39 -6.23 -13.60
N ALA B 197 -8.19 -6.21 -14.20
CA ALA B 197 -7.11 -5.26 -13.87
C ALA B 197 -7.53 -3.82 -14.19
N LEU B 198 -8.55 -3.63 -15.04
CA LEU B 198 -9.03 -2.28 -15.46
C LEU B 198 -10.33 -1.90 -14.75
N ILE B 199 -10.82 -2.71 -13.81
CA ILE B 199 -12.07 -2.39 -13.06
C ILE B 199 -11.83 -1.15 -12.20
N ASP B 200 -10.78 -1.15 -11.36
CA ASP B 200 -10.51 0.00 -10.46
C ASP B 200 -10.10 1.19 -11.34
N VAL B 201 -9.23 0.98 -12.32
CA VAL B 201 -8.74 2.05 -13.25
C VAL B 201 -9.96 2.69 -13.91
N GLY B 202 -10.85 1.87 -14.48
CA GLY B 202 -12.07 2.34 -15.17
C GLY B 202 -12.98 3.15 -14.26
N GLY B 203 -13.09 2.78 -12.98
CA GLY B 203 -13.94 3.46 -11.98
C GLY B 203 -13.26 4.68 -11.37
N GLY B 204 -12.01 4.93 -11.72
CA GLY B 204 -11.22 6.09 -11.26
C GLY B 204 -10.68 5.89 -9.86
N TYR B 205 -10.63 4.65 -9.35
CA TYR B 205 -10.09 4.34 -8.01
C TYR B 205 -8.94 3.33 -8.14
N ARG B 206 -8.38 2.90 -7.02
CA ARG B 206 -7.14 2.09 -7.04
C ARG B 206 -7.07 1.29 -5.75
N LEU B 207 -7.13 -0.03 -5.85
CA LEU B 207 -6.94 -0.92 -4.69
C LEU B 207 -5.46 -0.87 -4.29
N GLU B 208 -5.18 -0.74 -2.99
CA GLU B 208 -3.79 -0.81 -2.43
C GLU B 208 -3.32 -2.27 -2.50
N ALA B 209 -2.01 -2.50 -2.32
CA ALA B 209 -1.37 -3.82 -2.49
C ALA B 209 -2.13 -4.88 -1.69
N GLU B 210 -2.35 -4.65 -0.39
CA GLU B 210 -2.93 -5.69 0.50
C GLU B 210 -4.45 -5.76 0.31
N GLU B 211 -5.09 -4.74 -0.30
CA GLU B 211 -6.51 -4.83 -0.70
C GLU B 211 -6.60 -5.76 -1.92
N TRP B 212 -5.82 -5.47 -2.96
CA TRP B 212 -5.82 -6.24 -4.23
C TRP B 212 -5.43 -7.70 -3.97
N HIS B 213 -4.35 -7.92 -3.21
CA HIS B 213 -3.72 -9.25 -3.05
C HIS B 213 -4.31 -10.01 -1.87
N HIS B 214 -5.31 -9.46 -1.17
CA HIS B 214 -5.92 -10.18 -0.02
C HIS B 214 -6.47 -11.53 -0.51
N PRO B 215 -6.18 -12.65 0.18
CA PRO B 215 -6.64 -13.98 -0.25
C PRO B 215 -8.13 -14.07 -0.61
N ASP B 216 -9.00 -13.42 0.17
CA ASP B 216 -10.45 -13.34 -0.10
C ASP B 216 -10.71 -12.63 -1.44
N VAL B 217 -10.01 -11.53 -1.70
CA VAL B 217 -10.16 -10.75 -2.96
C VAL B 217 -9.63 -11.59 -4.14
N ARG B 218 -8.48 -12.23 -3.96
CA ARG B 218 -7.89 -13.13 -4.98
C ARG B 218 -8.84 -14.30 -5.23
N THR B 219 -9.43 -14.88 -4.18
CA THR B 219 -10.32 -16.07 -4.32
C THR B 219 -11.54 -15.65 -5.16
N LEU B 220 -12.17 -14.53 -4.83
CA LEU B 220 -13.36 -14.02 -5.57
C LEU B 220 -12.99 -13.74 -7.03
N SER B 221 -11.81 -13.16 -7.27
CA SER B 221 -11.30 -12.87 -8.63
C SER B 221 -11.13 -14.19 -9.40
N ASP B 222 -10.54 -15.20 -8.76
CA ASP B 222 -10.29 -16.52 -9.38
C ASP B 222 -11.62 -17.21 -9.71
N LEU B 223 -12.60 -17.15 -8.81
CA LEU B 223 -13.94 -17.78 -9.04
C LEU B 223 -14.67 -17.07 -10.17
N ALA B 224 -14.65 -15.72 -10.17
CA ALA B 224 -15.22 -14.89 -11.26
C ALA B 224 -14.56 -15.27 -12.58
N CYS B 225 -13.23 -15.44 -12.58
CA CYS B 225 -12.46 -15.79 -13.79
C CYS B 225 -12.88 -17.19 -14.29
N ASP B 226 -13.01 -18.15 -13.37
CA ASP B 226 -13.50 -19.53 -13.68
C ASP B 226 -14.89 -19.43 -14.31
N LEU B 227 -15.82 -18.70 -13.68
CA LEU B 227 -17.22 -18.57 -14.16
C LEU B 227 -17.24 -18.06 -15.60
N ILE B 228 -16.46 -17.01 -15.89
CA ILE B 228 -16.48 -16.35 -17.22
C ILE B 228 -15.91 -17.32 -18.27
N GLY B 229 -14.79 -17.98 -17.96
CA GLY B 229 -14.15 -18.95 -18.87
C GLY B 229 -15.07 -20.12 -19.17
N TRP B 230 -15.67 -20.69 -18.13
CA TRP B 230 -16.57 -21.86 -18.25
C TRP B 230 -17.86 -21.48 -18.96
N ASP B 231 -18.42 -20.31 -18.64
CA ASP B 231 -19.69 -19.80 -19.24
C ASP B 231 -19.45 -19.58 -20.74
N ASN B 232 -18.31 -18.99 -21.10
CA ASN B 232 -17.93 -18.83 -22.52
C ASN B 232 -17.77 -20.20 -23.18
N ASP B 233 -17.12 -21.14 -22.50
CA ASP B 233 -16.91 -22.51 -23.04
C ASP B 233 -18.28 -23.11 -23.40
N LEU B 234 -19.26 -23.05 -22.49
CA LEU B 234 -20.61 -23.63 -22.72
C LEU B 234 -21.22 -22.99 -23.97
N LEU B 235 -21.25 -21.65 -24.03
CA LEU B 235 -22.01 -20.89 -25.05
C LEU B 235 -21.23 -20.81 -26.37
N SER B 236 -19.90 -20.81 -26.36
CA SER B 236 -19.06 -20.73 -27.58
C SER B 236 -18.73 -22.12 -28.14
N TYR B 237 -19.22 -23.19 -27.50
CA TYR B 237 -18.91 -24.58 -27.89
C TYR B 237 -19.30 -24.80 -29.36
N ALA B 238 -20.50 -24.38 -29.77
CA ALA B 238 -21.03 -24.63 -31.14
C ALA B 238 -20.11 -23.99 -32.18
N LYS B 239 -19.72 -22.73 -32.01
CA LYS B 239 -18.91 -22.03 -33.04
C LYS B 239 -17.47 -22.57 -32.97
N GLU B 240 -17.03 -23.07 -31.82
CA GLU B 240 -15.66 -23.63 -31.66
C GLU B 240 -15.55 -25.01 -32.31
N ARG B 241 -16.63 -25.77 -32.44
CA ARG B 241 -16.64 -27.06 -33.19
C ARG B 241 -16.13 -26.82 -34.63
N GLY B 242 -16.32 -25.62 -35.18
CA GLY B 242 -15.91 -25.25 -36.55
C GLY B 242 -14.43 -24.87 -36.67
N ASN B 243 -13.67 -24.92 -35.57
CA ASN B 243 -12.27 -24.42 -35.50
C ASN B 243 -11.45 -25.34 -34.57
N ASP B 244 -10.68 -26.27 -35.16
CA ASP B 244 -9.75 -27.16 -34.41
C ASP B 244 -10.53 -27.95 -33.35
N LYS B 245 -11.69 -28.51 -33.74
CA LYS B 245 -12.46 -29.52 -32.96
C LYS B 245 -12.82 -29.01 -31.55
N ALA B 246 -12.96 -27.70 -31.34
CA ALA B 246 -13.30 -27.11 -30.03
C ALA B 246 -12.35 -27.62 -28.94
N ARG B 247 -11.07 -27.76 -29.28
CA ARG B 247 -10.01 -28.35 -28.42
C ARG B 247 -9.97 -27.65 -27.06
N HIS B 248 -9.97 -26.31 -27.07
CA HIS B 248 -9.82 -25.47 -25.86
C HIS B 248 -11.22 -25.04 -25.38
N ASN B 249 -11.90 -25.98 -24.72
CA ASN B 249 -13.31 -25.85 -24.31
C ASN B 249 -13.60 -26.92 -23.26
N LEU B 250 -14.11 -26.51 -22.09
CA LEU B 250 -14.37 -27.42 -20.94
C LEU B 250 -15.35 -28.52 -21.35
N VAL B 251 -16.27 -28.23 -22.28
CA VAL B 251 -17.25 -29.24 -22.79
C VAL B 251 -16.47 -30.38 -23.47
N THR B 252 -15.56 -30.02 -24.38
CA THR B 252 -14.70 -30.98 -25.13
C THR B 252 -13.79 -31.73 -24.15
N VAL B 253 -13.21 -31.01 -23.19
CA VAL B 253 -12.24 -31.54 -22.19
C VAL B 253 -12.93 -32.59 -21.31
N LEU B 254 -14.11 -32.29 -20.79
CA LEU B 254 -14.87 -33.22 -19.90
C LEU B 254 -15.41 -34.39 -20.73
N ALA B 255 -15.97 -34.13 -21.91
CA ALA B 255 -16.49 -35.17 -22.84
C ALA B 255 -15.38 -36.17 -23.15
N THR B 256 -14.19 -35.68 -23.49
CA THR B 256 -13.01 -36.48 -23.91
C THR B 256 -12.51 -37.28 -22.72
N HIS B 257 -12.24 -36.64 -21.57
CA HIS B 257 -11.46 -37.26 -20.46
C HIS B 257 -12.38 -38.02 -19.50
N LYS B 258 -13.70 -37.84 -19.56
CA LYS B 258 -14.66 -38.61 -18.73
C LYS B 258 -15.59 -39.45 -19.62
N SER B 259 -15.34 -39.48 -20.94
CA SER B 259 -16.14 -40.27 -21.92
C SER B 259 -17.64 -39.95 -21.76
N LEU B 260 -18.01 -38.67 -21.81
CA LEU B 260 -19.41 -38.20 -21.65
C LEU B 260 -20.02 -37.94 -23.02
N THR B 261 -21.34 -38.09 -23.14
CA THR B 261 -22.15 -37.53 -24.25
C THR B 261 -22.01 -36.01 -24.20
N LEU B 262 -22.21 -35.32 -25.32
CA LEU B 262 -22.25 -33.83 -25.38
C LEU B 262 -23.25 -33.31 -24.33
N GLN B 263 -24.45 -33.89 -24.24
CA GLN B 263 -25.52 -33.41 -23.31
C GLN B 263 -25.01 -33.47 -21.86
N ASP B 264 -24.35 -34.57 -21.47
CA ASP B 264 -23.86 -34.76 -20.08
C ASP B 264 -22.68 -33.82 -19.82
N ALA B 265 -21.82 -33.59 -20.82
CA ALA B 265 -20.69 -32.64 -20.72
C ALA B 265 -21.23 -31.22 -20.46
N LEU B 266 -22.25 -30.80 -21.22
CA LEU B 266 -22.88 -29.46 -21.02
C LEU B 266 -23.39 -29.36 -19.58
N LEU B 267 -24.02 -30.42 -19.07
CA LEU B 267 -24.61 -30.43 -17.70
C LEU B 267 -23.49 -30.38 -16.64
N GLU B 268 -22.34 -31.01 -16.89
CA GLU B 268 -21.20 -31.00 -15.93
C GLU B 268 -20.60 -29.59 -15.88
N VAL B 269 -20.56 -28.88 -17.01
CA VAL B 269 -20.07 -27.47 -17.08
C VAL B 269 -21.02 -26.59 -16.27
N ALA B 270 -22.34 -26.78 -16.41
CA ALA B 270 -23.38 -26.06 -15.64
C ALA B 270 -23.19 -26.36 -14.15
N GLN B 271 -22.89 -27.61 -13.77
CA GLN B 271 -22.66 -27.98 -12.36
C GLN B 271 -21.47 -27.19 -11.79
N MET B 272 -20.37 -27.15 -12.53
CA MET B 272 -19.14 -26.42 -12.08
C MET B 272 -19.47 -24.93 -11.95
N HIS B 273 -20.25 -24.37 -12.88
CA HIS B 273 -20.75 -22.97 -12.80
C HIS B 273 -21.49 -22.75 -11.47
N ASN B 274 -22.50 -23.58 -11.19
CA ASN B 274 -23.35 -23.45 -9.97
C ASN B 274 -22.50 -23.57 -8.71
N ASP B 275 -21.52 -24.48 -8.71
CA ASP B 275 -20.62 -24.72 -7.54
C ASP B 275 -19.72 -23.49 -7.33
N ALA B 276 -19.24 -22.87 -8.41
CA ALA B 276 -18.41 -21.64 -8.32
C ALA B 276 -19.25 -20.47 -7.81
N VAL B 277 -20.52 -20.36 -8.23
CA VAL B 277 -21.44 -19.31 -7.71
C VAL B 277 -21.60 -19.49 -6.19
N ALA B 278 -21.86 -20.72 -5.74
CA ALA B 278 -22.01 -21.06 -4.30
C ALA B 278 -20.74 -20.64 -3.55
N ALA B 279 -19.57 -21.00 -4.09
CA ALA B 279 -18.24 -20.69 -3.50
C ALA B 279 -18.04 -19.17 -3.43
N PHE B 280 -18.44 -18.45 -4.48
CA PHE B 280 -18.35 -16.96 -4.57
C PHE B 280 -19.18 -16.33 -3.45
N LEU B 281 -20.46 -16.73 -3.32
CA LEU B 281 -21.41 -16.18 -2.33
C LEU B 281 -20.87 -16.42 -0.90
N ASP B 282 -20.28 -17.59 -0.66
CA ASP B 282 -19.70 -17.96 0.66
C ASP B 282 -18.53 -17.04 0.98
N ARG B 283 -17.56 -16.92 0.07
CA ARG B 283 -16.35 -16.09 0.31
C ARG B 283 -16.77 -14.61 0.42
N ARG B 284 -17.76 -14.19 -0.35
CA ARG B 284 -18.23 -12.78 -0.33
C ARG B 284 -18.79 -12.44 1.06
N ALA B 285 -19.53 -13.38 1.69
CA ALA B 285 -20.12 -13.21 3.04
C ALA B 285 -18.99 -12.96 4.05
N ALA B 286 -17.86 -13.68 3.94
CA ALA B 286 -16.67 -13.52 4.81
C ALA B 286 -16.04 -12.15 4.57
N LEU B 287 -15.84 -11.78 3.30
CA LEU B 287 -15.20 -10.51 2.89
C LEU B 287 -16.05 -9.33 3.37
N ASP B 288 -17.39 -9.48 3.33
CA ASP B 288 -18.36 -8.44 3.74
C ASP B 288 -18.10 -8.00 5.19
N ARG B 289 -17.54 -8.88 6.03
CA ARG B 289 -17.26 -8.59 7.47
C ARG B 289 -16.19 -7.49 7.60
N TRP B 290 -15.24 -7.39 6.67
CA TRP B 290 -14.04 -6.52 6.81
C TRP B 290 -13.87 -5.51 5.66
N ALA B 291 -14.52 -5.71 4.50
CA ALA B 291 -14.19 -5.03 3.23
C ALA B 291 -14.36 -3.51 3.36
N THR B 292 -13.37 -2.76 2.87
CA THR B 292 -13.40 -1.28 2.70
C THR B 292 -14.19 -0.94 1.43
N LEU B 293 -14.59 0.32 1.26
CA LEU B 293 -15.38 0.78 0.09
C LEU B 293 -14.69 0.40 -1.22
N PRO B 294 -13.38 0.67 -1.42
CA PRO B 294 -12.71 0.33 -2.68
C PRO B 294 -12.84 -1.16 -3.03
N VAL B 295 -12.61 -2.01 -2.03
CA VAL B 295 -12.73 -3.49 -2.18
C VAL B 295 -14.18 -3.84 -2.52
N ARG B 296 -15.18 -3.24 -1.85
CA ARG B 296 -16.61 -3.50 -2.14
C ARG B 296 -16.91 -3.14 -3.60
N LYS B 297 -16.39 -2.02 -4.09
CA LYS B 297 -16.64 -1.58 -5.49
C LYS B 297 -16.00 -2.58 -6.45
N TYR B 298 -14.77 -3.02 -6.17
CA TYR B 298 -14.07 -4.01 -7.03
C TYR B 298 -14.90 -5.31 -7.08
N VAL B 299 -15.36 -5.80 -5.93
CA VAL B 299 -16.13 -7.09 -5.86
C VAL B 299 -17.45 -6.92 -6.61
N ARG B 300 -18.14 -5.79 -6.46
CA ARG B 300 -19.36 -5.48 -7.25
C ARG B 300 -18.97 -5.49 -8.74
N GLY B 301 -17.78 -5.01 -9.09
CA GLY B 301 -17.22 -5.08 -10.45
C GLY B 301 -17.16 -6.50 -10.97
N LEU B 302 -16.66 -7.43 -10.15
CA LEU B 302 -16.58 -8.88 -10.50
C LEU B 302 -17.99 -9.42 -10.76
N GLU B 303 -18.94 -9.06 -9.90
CA GLU B 303 -20.35 -9.51 -9.99
C GLU B 303 -20.95 -9.00 -11.31
N HIS B 304 -20.79 -7.71 -11.62
CA HIS B 304 -21.28 -7.11 -12.88
C HIS B 304 -20.62 -7.82 -14.07
N TRP B 305 -19.33 -8.13 -13.97
CA TRP B 305 -18.57 -8.78 -15.08
C TRP B 305 -19.17 -10.17 -15.35
N VAL B 306 -19.30 -11.00 -14.32
CA VAL B 306 -19.84 -12.38 -14.48
C VAL B 306 -21.25 -12.30 -15.09
N ARG B 307 -22.13 -11.49 -14.52
CA ARG B 307 -23.56 -11.44 -14.92
C ARG B 307 -23.68 -10.81 -16.30
N GLY B 308 -22.96 -9.71 -16.54
CA GLY B 308 -22.94 -8.99 -17.83
C GLY B 308 -22.44 -9.87 -18.95
N HIS B 309 -21.44 -10.71 -18.66
CA HIS B 309 -20.82 -11.63 -19.64
C HIS B 309 -21.85 -12.68 -20.07
N ILE B 310 -22.60 -13.25 -19.13
CA ILE B 310 -23.68 -14.24 -19.43
C ILE B 310 -24.71 -13.57 -20.34
N ALA B 311 -25.20 -12.38 -19.98
CA ALA B 311 -26.19 -11.61 -20.77
C ALA B 311 -25.65 -11.40 -22.18
N PHE B 312 -24.40 -10.95 -22.32
CA PHE B 312 -23.74 -10.74 -23.63
C PHE B 312 -23.70 -12.06 -24.42
N SER B 313 -23.18 -13.13 -23.83
CA SER B 313 -22.84 -14.39 -24.55
C SER B 313 -24.13 -15.05 -25.06
N LEU B 314 -25.21 -14.98 -24.28
CA LEU B 314 -26.53 -15.57 -24.65
C LEU B 314 -27.12 -14.82 -25.85
N GLY B 315 -26.72 -13.55 -26.05
CA GLY B 315 -27.33 -12.65 -27.06
C GLY B 315 -26.41 -12.33 -28.24
N SER B 316 -25.14 -12.73 -28.21
CA SER B 316 -24.15 -12.29 -29.24
C SER B 316 -24.21 -13.21 -30.47
N ALA B 317 -24.28 -12.61 -31.66
CA ALA B 317 -24.20 -13.29 -32.97
C ALA B 317 -22.89 -14.07 -33.08
N ARG B 318 -21.88 -13.74 -32.27
CA ARG B 318 -20.59 -14.48 -32.22
C ARG B 318 -20.86 -15.96 -31.88
N TYR B 319 -21.86 -16.24 -31.03
CA TYR B 319 -22.08 -17.58 -30.43
C TYR B 319 -23.41 -18.20 -30.88
N VAL B 320 -24.47 -17.41 -30.99
CA VAL B 320 -25.87 -17.92 -31.08
C VAL B 320 -26.06 -18.69 -32.40
N GLY B 321 -25.62 -18.12 -33.53
CA GLY B 321 -25.90 -18.63 -34.88
C GLY B 321 -25.31 -20.00 -35.14
N ALA B 322 -24.23 -20.38 -34.44
CA ALA B 322 -23.52 -21.67 -34.63
C ALA B 322 -24.33 -22.83 -34.06
N TRP B 323 -25.23 -22.55 -33.10
CA TRP B 323 -26.08 -23.60 -32.46
C TRP B 323 -27.14 -24.07 -33.46
N PRO B 324 -27.29 -25.38 -33.70
CA PRO B 324 -28.39 -25.87 -34.54
C PRO B 324 -29.74 -25.34 -34.06
N ASP B 325 -30.66 -25.12 -35.02
CA ASP B 325 -32.02 -24.56 -34.84
C ASP B 325 -32.83 -25.35 -33.80
N ASP B 326 -32.53 -26.64 -33.62
CA ASP B 326 -33.32 -27.57 -32.76
C ASP B 326 -32.73 -27.59 -31.34
N THR B 327 -31.68 -26.82 -31.07
CA THR B 327 -31.10 -26.68 -29.70
C THR B 327 -32.12 -25.95 -28.81
N ARG B 328 -32.41 -26.49 -27.63
CA ARG B 328 -33.37 -25.89 -26.65
C ARG B 328 -32.58 -25.06 -25.63
N TRP B 329 -33.19 -23.95 -25.19
CA TRP B 329 -32.56 -22.93 -24.30
C TRP B 329 -33.42 -22.75 -23.05
N PRO B 330 -32.81 -22.48 -21.88
CA PRO B 330 -33.55 -22.31 -20.64
C PRO B 330 -34.16 -20.90 -20.55
N ALA C 2 4.71 10.26 53.35
CA ALA C 2 4.45 9.68 52.00
C ALA C 2 3.03 9.08 51.96
N THR C 3 2.70 8.18 52.90
CA THR C 3 1.34 7.60 53.04
C THR C 3 1.01 7.34 54.52
N SER C 4 -0.17 6.76 54.77
CA SER C 4 -0.73 6.47 56.12
C SER C 4 -0.66 4.97 56.40
N ALA C 5 -0.70 4.61 57.68
CA ALA C 5 -0.85 3.22 58.16
C ALA C 5 -2.25 2.71 57.81
N HIS C 6 -3.26 3.58 57.90
CA HIS C 6 -4.69 3.22 57.73
C HIS C 6 -5.34 4.07 56.65
N SER C 7 -6.41 3.57 56.04
CA SER C 7 -7.13 4.16 54.90
C SER C 7 -7.54 5.60 55.19
N PHE C 8 -7.46 6.46 54.17
CA PHE C 8 -7.98 7.85 54.18
C PHE C 8 -9.51 7.83 54.20
N THR C 9 -10.15 6.67 53.96
CA THR C 9 -11.63 6.48 54.05
C THR C 9 -12.06 5.98 55.43
N GLY C 10 -11.12 5.51 56.26
CA GLY C 10 -11.42 4.92 57.58
C GLY C 10 -11.82 3.45 57.47
N ARG C 11 -11.79 2.87 56.27
CA ARG C 11 -11.95 1.42 56.00
C ARG C 11 -10.85 0.99 55.03
N PRO C 12 -10.18 -0.16 55.23
CA PRO C 12 -9.18 -0.63 54.27
C PRO C 12 -9.75 -0.69 52.85
N LEU C 13 -9.02 -0.14 51.87
CA LEU C 13 -9.42 -0.15 50.45
C LEU C 13 -8.94 -1.45 49.80
N HIS C 14 -9.82 -2.06 49.01
CA HIS C 14 -9.52 -3.26 48.18
C HIS C 14 -9.28 -2.79 46.75
N ILE C 15 -8.06 -2.99 46.23
CA ILE C 15 -7.73 -2.79 44.80
C ILE C 15 -8.18 -4.04 44.06
N PRO C 16 -9.19 -3.93 43.17
CA PRO C 16 -9.67 -5.10 42.43
C PRO C 16 -8.59 -5.63 41.49
N PRO C 17 -8.63 -6.93 41.15
CA PRO C 17 -7.72 -7.48 40.15
C PRO C 17 -8.03 -6.85 38.79
N LEU C 18 -7.01 -6.78 37.92
CA LEU C 18 -7.13 -6.33 36.51
C LEU C 18 -6.79 -7.51 35.62
N PRO C 19 -7.69 -8.52 35.54
CA PRO C 19 -7.42 -9.74 34.79
C PRO C 19 -7.22 -9.45 33.30
N CYS C 20 -6.36 -10.23 32.67
CA CYS C 20 -5.86 -10.00 31.30
C CYS C 20 -5.21 -11.29 30.80
N PRO C 21 -5.74 -11.94 29.75
CA PRO C 21 -5.16 -13.19 29.25
C PRO C 21 -3.92 -12.98 28.37
N PHE C 22 -3.53 -11.73 28.10
CA PHE C 22 -2.36 -11.38 27.25
C PHE C 22 -1.08 -11.80 27.96
N PRO C 23 -0.05 -12.28 27.23
CA PRO C 23 1.20 -12.72 27.85
C PRO C 23 1.99 -11.53 28.41
N SER C 24 2.51 -11.66 29.62
CA SER C 24 3.44 -10.69 30.25
C SER C 24 4.87 -11.08 29.88
N GLU C 25 5.53 -10.27 29.05
CA GLU C 25 6.92 -10.50 28.57
C GLU C 25 7.72 -9.22 28.82
N ILE C 26 9.05 -9.35 28.83
CA ILE C 26 9.99 -8.21 29.06
C ILE C 26 11.15 -8.34 28.08
N ASN C 27 11.57 -7.22 27.51
CA ASN C 27 12.70 -7.16 26.55
C ASN C 27 13.98 -7.64 27.26
N GLU C 28 14.78 -8.47 26.59
CA GLU C 28 16.02 -9.05 27.16
C GLU C 28 17.05 -7.95 27.45
N HIS C 29 16.93 -6.78 26.79
CA HIS C 29 17.89 -5.64 26.90
C HIS C 29 17.45 -4.64 27.99
N ALA C 30 16.43 -4.98 28.79
CA ALA C 30 15.73 -4.08 29.73
C ALA C 30 16.71 -3.31 30.62
N ASP C 31 17.59 -4.02 31.34
CA ASP C 31 18.47 -3.47 32.40
C ASP C 31 19.50 -2.51 31.79
N ALA C 32 20.20 -2.95 30.74
CA ALA C 32 21.26 -2.17 30.04
C ALA C 32 20.66 -0.90 29.44
N VAL C 33 19.56 -1.02 28.69
CA VAL C 33 18.95 0.13 27.95
C VAL C 33 18.39 1.14 28.96
N ASP C 34 17.76 0.66 30.03
CA ASP C 34 17.19 1.50 31.11
C ASP C 34 18.29 2.44 31.65
N GLU C 35 19.44 1.88 32.02
CA GLU C 35 20.54 2.70 32.57
C GLU C 35 20.92 3.75 31.52
N GLU C 36 21.09 3.30 30.26
CA GLU C 36 21.53 4.13 29.12
C GLU C 36 20.52 5.28 28.92
N SER C 37 19.23 4.96 28.97
CA SER C 37 18.13 5.94 28.77
C SER C 37 18.10 6.91 29.96
N HIS C 38 18.27 6.43 31.19
CA HIS C 38 18.30 7.29 32.40
C HIS C 38 19.47 8.27 32.28
N THR C 39 20.63 7.80 31.80
CA THR C 39 21.83 8.65 31.55
C THR C 39 21.44 9.75 30.57
N TRP C 40 20.88 9.35 29.43
CA TRP C 40 20.38 10.25 28.35
C TRP C 40 19.49 11.33 28.96
N LEU C 41 18.52 10.94 29.79
CA LEU C 41 17.57 11.88 30.44
C LEU C 41 18.36 12.84 31.31
N ALA C 42 19.33 12.34 32.10
CA ALA C 42 20.19 13.15 32.98
C ALA C 42 20.89 14.21 32.13
N ALA C 43 21.51 13.79 31.02
CA ALA C 43 22.30 14.64 30.11
C ALA C 43 21.42 15.69 29.40
N SER C 44 20.11 15.42 29.24
CA SER C 44 19.16 16.28 28.49
C SER C 44 18.89 17.59 29.23
N HIS C 45 19.04 17.58 30.56
CA HIS C 45 18.72 18.68 31.51
C HIS C 45 17.21 18.93 31.55
N MET C 46 16.38 17.95 31.19
CA MET C 46 14.90 18.09 31.19
C MET C 46 14.37 18.04 32.63
N LEU C 47 15.06 17.30 33.51
CA LEU C 47 14.69 17.17 34.95
C LEU C 47 15.47 18.23 35.74
N LYS C 48 14.78 18.98 36.60
CA LYS C 48 15.41 20.00 37.49
C LYS C 48 14.73 19.98 38.85
N THR C 52 12.53 14.61 41.86
CA THR C 52 12.04 14.30 40.48
C THR C 52 12.98 13.29 39.81
N VAL C 53 14.28 13.60 39.74
CA VAL C 53 15.32 12.74 39.08
C VAL C 53 15.41 11.41 39.84
N GLU C 54 15.43 11.46 41.17
CA GLU C 54 15.64 10.24 42.00
C GLU C 54 14.37 9.37 41.92
N HIS C 55 13.17 9.97 41.96
CA HIS C 55 11.89 9.20 41.89
C HIS C 55 11.82 8.49 40.54
N PHE C 56 12.20 9.17 39.45
CA PHE C 56 12.25 8.57 38.09
C PHE C 56 13.15 7.34 38.13
N ARG C 57 14.36 7.49 38.68
CA ARG C 57 15.36 6.39 38.79
C ARG C 57 14.66 5.21 39.49
N ARG C 58 14.02 5.47 40.64
CA ARG C 58 13.33 4.44 41.46
C ARG C 58 12.11 3.88 40.72
N SER C 59 11.46 4.69 39.87
CA SER C 59 10.25 4.30 39.10
C SER C 59 10.61 3.26 38.04
N LYS C 60 11.85 3.26 37.56
CA LYS C 60 12.35 2.31 36.53
C LYS C 60 11.50 2.45 35.27
N ILE C 61 11.50 3.62 34.65
CA ILE C 61 10.79 3.91 33.37
C ILE C 61 11.20 2.87 32.32
N GLY C 62 12.48 2.51 32.26
CA GLY C 62 13.01 1.50 31.31
C GLY C 62 12.35 0.15 31.47
N THR C 63 11.88 -0.20 32.68
CA THR C 63 11.13 -1.45 32.93
C THR C 63 9.79 -1.35 32.18
N LEU C 64 9.12 -0.20 32.22
CA LEU C 64 7.85 -0.01 31.46
C LEU C 64 8.14 -0.16 29.96
N ALA C 65 9.19 0.49 29.45
CA ALA C 65 9.58 0.43 28.02
C ALA C 65 9.81 -1.03 27.62
N ALA C 66 10.54 -1.80 28.43
CA ALA C 66 10.95 -3.19 28.14
C ALA C 66 9.75 -4.14 28.22
N ARG C 67 8.85 -3.92 29.18
CA ARG C 67 7.63 -4.76 29.37
C ARG C 67 6.61 -4.47 28.26
N THR C 68 6.52 -3.23 27.78
CA THR C 68 5.51 -2.81 26.77
C THR C 68 6.01 -3.06 25.34
N ASN C 69 7.33 -3.22 25.16
CA ASN C 69 7.97 -3.48 23.84
C ASN C 69 8.94 -4.66 24.00
N PRO C 70 8.45 -5.87 24.36
CA PRO C 70 9.34 -6.98 24.70
C PRO C 70 10.07 -7.66 23.52
N THR C 71 9.66 -7.40 22.27
CA THR C 71 10.22 -8.11 21.08
C THR C 71 11.23 -7.26 20.31
N VAL C 72 11.31 -5.95 20.55
CA VAL C 72 12.06 -5.02 19.65
C VAL C 72 13.56 -5.16 19.90
N PRO C 73 14.40 -4.93 18.86
CA PRO C 73 15.85 -4.91 19.02
C PRO C 73 16.32 -3.80 19.97
N ARG C 74 17.53 -3.95 20.49
CA ARG C 74 18.14 -3.07 21.52
C ARG C 74 18.04 -1.60 21.09
N ASP C 75 18.38 -1.27 19.84
CA ASP C 75 18.40 0.13 19.32
C ASP C 75 16.99 0.71 19.39
N SER C 76 15.98 -0.09 19.01
CA SER C 76 14.55 0.33 19.04
C SER C 76 14.12 0.55 20.50
N LEU C 77 14.50 -0.36 21.40
CA LEU C 77 14.14 -0.25 22.84
C LEU C 77 14.72 1.05 23.39
N ARG C 78 15.97 1.38 23.02
CA ARG C 78 16.68 2.59 23.51
C ARG C 78 15.93 3.85 23.04
N LEU C 79 15.56 3.91 21.76
CA LEU C 79 14.80 5.05 21.19
C LEU C 79 13.47 5.19 21.96
N ILE C 80 12.74 4.10 22.12
CA ILE C 80 11.40 4.09 22.78
C ILE C 80 11.59 4.51 24.24
N ASN C 81 12.63 4.00 24.92
CA ASN C 81 12.92 4.29 26.36
C ASN C 81 13.17 5.81 26.50
N ASP C 82 13.94 6.40 25.60
CA ASP C 82 14.23 7.86 25.61
C ASP C 82 12.91 8.62 25.44
N TRP C 83 12.03 8.16 24.55
CA TRP C 83 10.73 8.82 24.30
C TRP C 83 9.86 8.74 25.56
N TYR C 84 9.81 7.59 26.25
CA TYR C 84 9.03 7.44 27.51
C TYR C 84 9.58 8.43 28.55
N ASN C 85 10.91 8.54 28.62
CA ASN C 85 11.60 9.44 29.58
C ASN C 85 11.19 10.89 29.27
N TRP C 86 11.20 11.27 27.98
CA TRP C 86 10.74 12.60 27.52
C TRP C 86 9.32 12.86 28.05
N LEU C 87 8.42 11.90 27.88
CA LEU C 87 6.98 12.01 28.23
C LEU C 87 6.80 12.12 29.75
N PHE C 88 7.42 11.24 30.54
CA PHE C 88 7.25 11.27 32.02
C PHE C 88 7.74 12.63 32.52
N ALA C 89 8.90 13.11 32.06
CA ALA C 89 9.50 14.41 32.45
C ALA C 89 8.56 15.56 32.07
N PHE C 90 8.07 15.57 30.83
CA PHE C 90 7.18 16.62 30.28
C PHE C 90 5.85 16.64 31.05
N ASP C 91 5.23 15.48 31.30
CA ASP C 91 3.90 15.41 31.97
C ASP C 91 4.01 16.03 33.36
N ASP C 92 5.13 15.76 34.04
CA ASP C 92 5.45 16.25 35.41
C ASP C 92 5.70 17.75 35.38
N ALA C 93 6.59 18.21 34.48
CA ALA C 93 7.13 19.59 34.42
C ALA C 93 6.10 20.57 33.84
N PHE C 94 5.39 20.19 32.76
CA PHE C 94 4.45 21.07 32.02
C PHE C 94 3.21 21.30 32.89
N ARG C 103 -3.99 27.47 34.16
CA ARG C 103 -4.66 28.45 33.25
C ARG C 103 -4.55 27.95 31.82
N ALA C 104 -5.71 27.72 31.18
CA ALA C 104 -5.84 27.16 29.81
C ALA C 104 -5.10 28.06 28.82
N SER C 105 -5.21 29.38 28.97
CA SER C 105 -4.67 30.39 28.02
C SER C 105 -3.14 30.32 27.97
N ALA C 106 -2.46 30.35 29.13
CA ALA C 106 -0.99 30.30 29.23
C ALA C 106 -0.49 29.01 28.56
N LEU C 107 -1.12 27.89 28.89
CA LEU C 107 -0.72 26.54 28.41
C LEU C 107 -0.89 26.49 26.90
N ALA C 108 -2.04 26.94 26.38
CA ALA C 108 -2.35 26.98 24.92
C ALA C 108 -1.26 27.79 24.22
N ARG C 109 -0.87 28.92 24.80
CA ARG C 109 0.09 29.87 24.17
C ARG C 109 1.51 29.29 24.21
N ALA C 110 1.79 28.32 25.09
CA ALA C 110 3.14 27.68 25.20
C ALA C 110 3.33 26.63 24.10
N LEU C 111 2.27 26.19 23.41
CA LEU C 111 2.35 25.01 22.50
C LEU C 111 3.05 25.34 21.19
N PRO C 112 2.75 26.45 20.47
CA PRO C 112 3.29 26.67 19.12
C PRO C 112 4.80 26.50 18.96
N PRO C 113 5.67 26.98 19.89
CA PRO C 113 7.11 26.72 19.76
C PRO C 113 7.45 25.23 19.65
N LEU C 114 6.81 24.41 20.49
CA LEU C 114 6.92 22.93 20.47
C LEU C 114 6.40 22.38 19.13
N LEU C 115 5.25 22.88 18.67
CA LEU C 115 4.66 22.44 17.38
C LEU C 115 5.63 22.77 16.24
N GLU C 116 6.26 23.95 16.28
CA GLU C 116 7.22 24.40 15.26
C GLU C 116 8.40 23.41 15.20
N ILE C 117 8.96 23.01 16.34
CA ILE C 117 10.09 22.05 16.42
C ILE C 117 9.64 20.71 15.83
N LEU C 118 8.42 20.30 16.17
CA LEU C 118 7.81 19.03 15.71
C LEU C 118 7.68 19.07 14.19
N ASP C 119 7.29 20.21 13.60
CA ASP C 119 7.08 20.38 12.14
C ASP C 119 8.38 20.87 11.46
N GLY C 120 9.50 20.93 12.20
CA GLY C 120 10.83 21.30 11.66
C GLY C 120 10.93 22.74 11.18
N ARG C 121 9.94 23.59 11.47
CA ARG C 121 9.92 25.01 10.99
C ARG C 121 10.83 25.86 11.89
N ARG C 122 11.30 25.34 13.02
CA ARG C 122 12.09 26.12 14.01
C ARG C 122 13.16 25.23 14.64
N GLU C 123 14.32 25.83 14.93
CA GLU C 123 15.37 25.23 15.80
C GLU C 123 15.01 25.58 17.23
N PRO C 124 15.20 24.65 18.21
CA PRO C 124 14.98 24.98 19.60
C PRO C 124 16.04 25.98 20.09
N ASP C 125 15.70 26.75 21.13
CA ASP C 125 16.65 27.65 21.84
C ASP C 125 17.70 26.78 22.53
N GLY C 126 18.94 27.28 22.64
CA GLY C 126 20.03 26.60 23.35
C GLY C 126 19.64 26.22 24.77
N SER C 127 18.66 26.93 25.34
CA SER C 127 18.21 26.80 26.74
C SER C 127 16.96 25.91 26.85
N ASP C 128 16.36 25.50 25.73
CA ASP C 128 15.08 24.74 25.69
C ASP C 128 15.38 23.25 25.75
N ALA C 129 15.54 22.69 26.96
CA ALA C 129 15.88 21.27 27.22
C ALA C 129 14.88 20.36 26.50
N PHE C 130 13.58 20.64 26.65
CA PHE C 130 12.47 19.80 26.11
C PHE C 130 12.46 19.86 24.57
N GLY C 131 12.60 21.06 23.99
CA GLY C 131 12.65 21.25 22.53
C GLY C 131 13.87 20.60 21.92
N LEU C 132 15.04 20.74 22.55
CA LEU C 132 16.30 20.14 22.06
C LEU C 132 16.14 18.61 22.03
N ALA C 133 15.59 18.03 23.09
CA ALA C 133 15.36 16.57 23.22
C ALA C 133 14.34 16.12 22.17
N LEU C 134 13.23 16.84 22.04
CA LEU C 134 12.14 16.48 21.08
C LEU C 134 12.72 16.49 19.66
N LYS C 135 13.53 17.50 19.31
CA LYS C 135 14.18 17.57 17.98
C LYS C 135 15.01 16.32 17.73
N GLU C 136 15.85 15.94 18.69
CA GLU C 136 16.75 14.76 18.58
C GLU C 136 15.90 13.50 18.36
N LEU C 137 14.84 13.32 19.14
CA LEU C 137 13.97 12.11 19.05
C LEU C 137 13.28 12.06 17.68
N LEU C 138 12.77 13.20 17.18
CA LEU C 138 12.11 13.29 15.85
C LEU C 138 13.10 12.81 14.78
N HIS C 139 14.34 13.28 14.82
CA HIS C 139 15.39 12.95 13.82
C HIS C 139 15.76 11.46 13.94
N ARG C 140 15.85 10.92 15.16
CA ARG C 140 16.20 9.50 15.40
C ARG C 140 15.04 8.60 14.93
N ILE C 141 13.79 9.03 15.10
CA ILE C 141 12.61 8.28 14.60
C ILE C 141 12.65 8.33 13.06
N SER C 142 12.89 9.51 12.49
CA SER C 142 12.97 9.75 11.02
C SER C 142 14.06 8.85 10.39
N ASP C 143 15.14 8.57 11.13
CA ASP C 143 16.26 7.72 10.65
C ASP C 143 15.79 6.28 10.40
N VAL C 144 14.74 5.81 11.08
CA VAL C 144 14.33 4.37 11.06
C VAL C 144 12.85 4.23 10.70
N ALA C 145 12.21 5.26 10.14
CA ALA C 145 10.76 5.28 9.83
C ALA C 145 10.50 5.98 8.49
N SER C 146 9.43 5.59 7.80
CA SER C 146 8.94 6.24 6.57
C SER C 146 8.30 7.58 6.95
N PRO C 147 8.16 8.53 6.00
CA PRO C 147 7.44 9.78 6.25
C PRO C 147 6.03 9.59 6.83
N ALA C 148 5.29 8.56 6.38
CA ALA C 148 3.93 8.25 6.87
C ALA C 148 3.98 7.85 8.36
N GLN C 149 4.96 7.03 8.73
CA GLN C 149 5.17 6.58 10.13
C GLN C 149 5.53 7.78 11.01
N VAL C 150 6.44 8.64 10.55
CA VAL C 150 6.88 9.86 11.29
C VAL C 150 5.65 10.75 11.52
N ASP C 151 4.83 10.96 10.47
CA ASP C 151 3.63 11.84 10.53
C ASP C 151 2.62 11.22 11.50
N ARG C 152 2.48 9.90 11.49
CA ARG C 152 1.60 9.17 12.45
C ARG C 152 1.98 9.57 13.88
N TRP C 153 3.26 9.45 14.20
CA TRP C 153 3.82 9.74 15.54
C TRP C 153 3.62 11.23 15.85
N ARG C 154 4.03 12.09 14.92
CA ARG C 154 3.92 13.57 15.02
C ARG C 154 2.48 13.97 15.37
N THR C 155 1.51 13.42 14.65
CA THR C 155 0.06 13.69 14.82
C THR C 155 -0.38 13.32 16.24
N THR C 156 0.02 12.15 16.74
CA THR C 156 -0.37 11.67 18.09
C THR C 156 0.25 12.59 19.14
N VAL C 157 1.47 13.07 18.93
CA VAL C 157 2.17 13.99 19.88
C VAL C 157 1.39 15.31 19.93
N LYS C 158 1.00 15.86 18.78
CA LYS C 158 0.26 17.15 18.69
C LYS C 158 -1.05 17.04 19.47
N GLU C 159 -1.76 15.92 19.28
CA GLU C 159 -3.07 15.63 19.91
C GLU C 159 -2.88 15.54 21.43
N TYR C 160 -1.79 14.91 21.87
CA TYR C 160 -1.38 14.81 23.29
C TYR C 160 -1.17 16.21 23.88
N LEU C 161 -0.40 17.06 23.18
CA LEU C 161 -0.10 18.45 23.63
C LEU C 161 -1.41 19.24 23.73
N PHE C 162 -2.24 19.21 22.70
CA PHE C 162 -3.53 19.95 22.67
C PHE C 162 -4.42 19.48 23.82
N ALA C 163 -4.45 18.17 24.08
CA ALA C 163 -5.29 17.55 25.14
C ALA C 163 -4.91 18.11 26.52
N GLN C 164 -3.65 18.50 26.74
CA GLN C 164 -3.19 19.06 28.05
C GLN C 164 -3.95 20.37 28.35
N ILE C 165 -4.41 21.08 27.32
CA ILE C 165 -5.14 22.38 27.48
C ILE C 165 -6.52 22.07 28.09
N TRP C 166 -7.14 20.96 27.70
CA TRP C 166 -8.45 20.52 28.25
C TRP C 166 -8.30 20.26 29.75
N GLU C 167 -7.24 19.57 30.17
CA GLU C 167 -6.94 19.34 31.62
C GLU C 167 -6.84 20.71 32.31
N ALA C 168 -6.07 21.63 31.73
CA ALA C 168 -5.85 22.98 32.29
C ALA C 168 -7.20 23.72 32.40
N ALA C 169 -8.10 23.55 31.42
CA ALA C 169 -9.44 24.18 31.40
C ALA C 169 -10.27 23.72 32.61
N ASN C 170 -10.29 22.41 32.89
CA ASN C 170 -11.03 21.82 34.03
C ASN C 170 -10.44 22.35 35.34
N ARG C 171 -9.11 22.38 35.44
CA ARG C 171 -8.36 22.84 36.64
C ARG C 171 -8.72 24.31 36.90
N GLU C 172 -8.76 25.12 35.85
CA GLU C 172 -8.94 26.59 35.92
C GLU C 172 -10.29 26.92 36.58
N VAL C 173 -11.36 26.23 36.20
CA VAL C 173 -12.73 26.54 36.70
C VAL C 173 -13.10 25.58 37.83
N ASP C 174 -12.17 24.70 38.22
CA ASP C 174 -12.33 23.71 39.33
C ASP C 174 -13.59 22.86 39.06
N LEU C 175 -13.64 22.21 37.91
CA LEU C 175 -14.70 21.23 37.57
C LEU C 175 -14.09 19.83 37.48
N ILE C 176 -14.77 18.84 38.05
CA ILE C 176 -14.49 17.39 37.79
C ILE C 176 -15.17 17.07 36.47
N PRO C 177 -14.47 16.60 35.41
CA PRO C 177 -15.12 16.34 34.14
C PRO C 177 -16.12 15.19 34.23
N THR C 178 -17.12 15.17 33.34
CA THR C 178 -18.19 14.14 33.31
C THR C 178 -17.59 12.84 32.80
N PRO C 179 -18.19 11.67 33.12
CA PRO C 179 -17.67 10.39 32.65
C PRO C 179 -17.50 10.29 31.13
N ASP C 180 -18.48 10.78 30.36
CA ASP C 180 -18.49 10.73 28.88
C ASP C 180 -17.32 11.54 28.33
N ASP C 181 -17.15 12.77 28.81
CA ASP C 181 -16.05 13.69 28.39
C ASP C 181 -14.71 13.07 28.78
N TYR C 182 -14.58 12.64 30.04
CA TYR C 182 -13.30 12.18 30.60
C TYR C 182 -12.81 10.93 29.86
N VAL C 183 -13.69 9.95 29.65
CA VAL C 183 -13.33 8.67 29.00
C VAL C 183 -12.80 8.95 27.58
N LEU C 184 -13.47 9.83 26.83
CA LEU C 184 -13.04 10.24 25.46
C LEU C 184 -11.65 10.88 25.55
N MET C 185 -11.51 11.90 26.41
CA MET C 185 -10.28 12.72 26.49
C MET C 185 -9.14 11.93 27.12
N ARG C 186 -9.43 10.91 27.95
CA ARG C 186 -8.38 10.12 28.63
C ARG C 186 -7.51 9.40 27.60
N ARG C 187 -8.07 9.07 26.43
CA ARG C 187 -7.33 8.36 25.35
C ARG C 187 -6.24 9.26 24.77
N ILE C 188 -6.35 10.58 24.86
CA ILE C 188 -5.33 11.48 24.24
C ILE C 188 -4.55 12.25 25.31
N THR C 189 -5.07 12.41 26.54
CA THR C 189 -4.33 13.10 27.63
C THR C 189 -3.13 12.26 28.10
N GLY C 190 -3.10 10.96 27.82
CA GLY C 190 -2.12 10.02 28.41
C GLY C 190 -0.89 9.75 27.56
N ALA C 191 -0.92 10.13 26.26
CA ALA C 191 0.19 9.98 25.29
C ALA C 191 0.38 8.53 24.84
N THR C 192 -0.51 7.62 25.26
CA THR C 192 -0.42 6.17 24.93
C THR C 192 -0.32 6.02 23.41
N TYR C 193 -1.11 6.78 22.64
CA TYR C 193 -1.14 6.67 21.16
C TYR C 193 0.24 6.96 20.57
N THR C 194 1.04 7.84 21.20
CA THR C 194 2.40 8.20 20.72
C THR C 194 3.32 6.99 20.86
N CYS C 195 3.04 6.06 21.78
CA CYS C 195 3.86 4.85 22.00
C CYS C 195 3.39 3.74 21.04
N PHE C 196 2.08 3.63 20.81
CA PHE C 196 1.50 2.68 19.83
C PHE C 196 2.04 3.00 18.42
N ALA C 197 2.28 4.28 18.13
CA ALA C 197 2.79 4.79 16.85
C ALA C 197 4.22 4.30 16.58
N LEU C 198 4.93 3.79 17.60
CA LEU C 198 6.32 3.31 17.46
C LEU C 198 6.39 1.78 17.50
N ILE C 199 5.24 1.08 17.59
CA ILE C 199 5.22 -0.41 17.66
C ILE C 199 5.77 -0.97 16.35
N ASP C 200 5.25 -0.55 15.19
CA ASP C 200 5.72 -1.07 13.88
C ASP C 200 7.15 -0.55 13.64
N VAL C 201 7.43 0.72 13.93
CA VAL C 201 8.78 1.34 13.74
C VAL C 201 9.79 0.51 14.54
N GLY C 202 9.49 0.25 15.81
CA GLY C 202 10.34 -0.52 16.73
C GLY C 202 10.63 -1.92 16.19
N GLY C 203 9.63 -2.54 15.56
CA GLY C 203 9.72 -3.92 15.01
C GLY C 203 10.35 -3.97 13.63
N GLY C 204 10.65 -2.82 13.03
CA GLY C 204 11.30 -2.72 11.71
C GLY C 204 10.31 -2.97 10.57
N TYR C 205 9.02 -2.88 10.81
CA TYR C 205 7.96 -3.08 9.78
C TYR C 205 7.05 -1.85 9.76
N ARG C 206 6.02 -1.89 8.93
CA ARG C 206 5.20 -0.68 8.63
C ARG C 206 3.82 -1.13 8.17
N LEU C 207 2.77 -0.75 8.89
CA LEU C 207 1.37 -0.99 8.43
C LEU C 207 1.05 -0.03 7.29
N GLU C 208 0.40 -0.54 6.24
CA GLU C 208 -0.20 0.27 5.13
C GLU C 208 -1.32 1.14 5.72
N ALA C 209 -1.69 2.22 5.03
CA ALA C 209 -2.77 3.13 5.45
C ALA C 209 -4.02 2.34 5.87
N GLU C 210 -4.50 1.44 5.01
CA GLU C 210 -5.80 0.75 5.23
C GLU C 210 -5.63 -0.39 6.24
N GLU C 211 -4.40 -0.86 6.50
CA GLU C 211 -4.12 -1.78 7.63
C GLU C 211 -4.27 -0.99 8.94
N TRP C 212 -3.51 0.09 9.08
CA TRP C 212 -3.47 0.94 10.30
C TRP C 212 -4.87 1.47 10.63
N HIS C 213 -5.60 1.95 9.62
CA HIS C 213 -6.88 2.70 9.78
C HIS C 213 -8.10 1.76 9.67
N HIS C 214 -7.91 0.46 9.47
CA HIS C 214 -9.05 -0.49 9.41
C HIS C 214 -9.84 -0.34 10.71
N PRO C 215 -11.19 -0.25 10.65
CA PRO C 215 -12.01 -0.12 11.86
C PRO C 215 -11.68 -1.14 12.96
N ASP C 216 -11.41 -2.40 12.60
CA ASP C 216 -11.04 -3.47 13.57
C ASP C 216 -9.75 -3.10 14.28
N VAL C 217 -8.75 -2.57 13.56
CA VAL C 217 -7.41 -2.23 14.11
C VAL C 217 -7.54 -0.98 14.97
N ARG C 218 -8.32 0.01 14.53
CA ARG C 218 -8.61 1.25 15.31
C ARG C 218 -9.37 0.87 16.59
N THR C 219 -10.36 -0.03 16.49
CA THR C 219 -11.17 -0.47 17.65
C THR C 219 -10.25 -1.13 18.69
N LEU C 220 -9.39 -2.06 18.28
CA LEU C 220 -8.43 -2.73 19.19
C LEU C 220 -7.46 -1.70 19.81
N SER C 221 -6.97 -0.75 19.01
CA SER C 221 -6.05 0.32 19.49
C SER C 221 -6.77 1.16 20.55
N ASP C 222 -7.99 1.59 20.27
CA ASP C 222 -8.82 2.43 21.20
C ASP C 222 -9.11 1.66 22.49
N LEU C 223 -9.50 0.39 22.41
CA LEU C 223 -9.76 -0.46 23.61
C LEU C 223 -8.47 -0.60 24.43
N ALA C 224 -7.35 -0.88 23.77
CA ALA C 224 -6.02 -1.00 24.42
C ALA C 224 -5.71 0.31 25.13
N CYS C 225 -5.92 1.43 24.44
CA CYS C 225 -5.67 2.79 24.99
C CYS C 225 -6.58 3.01 26.21
N ASP C 226 -7.87 2.66 26.11
CA ASP C 226 -8.83 2.71 27.24
C ASP C 226 -8.25 1.89 28.40
N LEU C 227 -7.87 0.63 28.15
CA LEU C 227 -7.39 -0.28 29.20
C LEU C 227 -6.22 0.39 29.93
N ILE C 228 -5.22 0.89 29.19
CA ILE C 228 -3.98 1.43 29.82
C ILE C 228 -4.34 2.67 30.65
N GLY C 229 -5.18 3.58 30.14
CA GLY C 229 -5.57 4.82 30.85
C GLY C 229 -6.32 4.50 32.14
N TRP C 230 -7.31 3.60 32.08
CA TRP C 230 -8.16 3.23 33.24
C TRP C 230 -7.30 2.48 34.26
N ASP C 231 -6.48 1.51 33.81
CA ASP C 231 -5.58 0.73 34.70
C ASP C 231 -4.64 1.69 35.43
N ASN C 232 -4.05 2.65 34.71
CA ASN C 232 -3.20 3.69 35.33
C ASN C 232 -4.03 4.52 36.32
N ASP C 233 -5.22 4.97 35.94
CA ASP C 233 -6.10 5.76 36.83
C ASP C 233 -6.34 5.01 38.14
N LEU C 234 -6.69 3.71 38.07
CA LEU C 234 -6.98 2.87 39.25
C LEU C 234 -5.75 2.84 40.16
N LEU C 235 -4.60 2.47 39.62
CA LEU C 235 -3.36 2.20 40.40
C LEU C 235 -2.69 3.51 40.82
N SER C 236 -2.86 4.62 40.08
CA SER C 236 -2.20 5.90 40.41
C SER C 236 -3.13 6.80 41.25
N TYR C 237 -4.32 6.30 41.61
CA TYR C 237 -5.35 7.11 42.32
C TYR C 237 -4.76 7.70 43.62
N ALA C 238 -4.11 6.88 44.45
CA ALA C 238 -3.57 7.32 45.77
C ALA C 238 -2.54 8.43 45.56
N LYS C 239 -1.61 8.26 44.62
CA LYS C 239 -0.56 9.26 44.29
C LYS C 239 -1.25 10.56 43.82
N GLU C 240 -2.30 10.46 43.01
CA GLU C 240 -2.94 11.63 42.35
C GLU C 240 -3.83 12.39 43.34
N ARG C 241 -4.18 11.79 44.48
CA ARG C 241 -4.90 12.49 45.59
C ARG C 241 -4.11 13.72 46.04
N GLY C 242 -2.76 13.65 46.00
CA GLY C 242 -1.86 14.74 46.41
C GLY C 242 -1.63 15.77 45.32
N ASN C 243 -2.34 15.69 44.18
CA ASN C 243 -2.13 16.58 43.02
C ASN C 243 -3.49 16.99 42.44
N ASP C 244 -3.95 18.20 42.78
CA ASP C 244 -5.21 18.80 42.25
C ASP C 244 -6.37 17.82 42.46
N LYS C 245 -6.51 17.28 43.69
CA LYS C 245 -7.67 16.48 44.15
C LYS C 245 -7.94 15.28 43.24
N ALA C 246 -6.93 14.72 42.57
CA ALA C 246 -7.09 13.61 41.59
C ALA C 246 -8.23 13.92 40.61
N ARG C 247 -8.32 15.18 40.16
CA ARG C 247 -9.40 15.69 39.25
C ARG C 247 -9.47 14.81 38.00
N HIS C 248 -8.33 14.58 37.35
CA HIS C 248 -8.22 13.80 36.09
C HIS C 248 -7.87 12.36 36.44
N ASN C 249 -8.89 11.61 36.86
CA ASN C 249 -8.79 10.21 37.32
C ASN C 249 -10.19 9.61 37.28
N LEU C 250 -10.36 8.49 36.59
CA LEU C 250 -11.68 7.85 36.37
C LEU C 250 -12.34 7.53 37.71
N VAL C 251 -11.55 7.20 38.74
CA VAL C 251 -12.08 6.89 40.11
C VAL C 251 -12.82 8.13 40.63
N THR C 252 -12.17 9.30 40.59
CA THR C 252 -12.74 10.60 41.01
C THR C 252 -13.99 10.91 40.17
N VAL C 253 -13.87 10.76 38.86
CA VAL C 253 -14.94 11.10 37.86
C VAL C 253 -16.19 10.28 38.16
N LEU C 254 -16.05 8.95 38.31
CA LEU C 254 -17.19 8.03 38.55
C LEU C 254 -17.77 8.26 39.95
N ALA C 255 -16.93 8.36 40.98
CA ALA C 255 -17.38 8.60 42.38
C ALA C 255 -18.23 9.87 42.41
N THR C 256 -17.73 10.95 41.80
CA THR C 256 -18.38 12.29 41.78
C THR C 256 -19.72 12.20 41.05
N HIS C 257 -19.72 11.78 39.79
CA HIS C 257 -20.87 11.94 38.85
C HIS C 257 -21.89 10.80 39.00
N LYS C 258 -21.50 9.64 39.53
CA LYS C 258 -22.43 8.49 39.72
C LYS C 258 -22.73 8.29 41.21
N SER C 259 -22.28 9.22 42.06
CA SER C 259 -22.56 9.25 43.52
C SER C 259 -22.14 7.93 44.16
N LEU C 260 -20.92 7.46 43.87
CA LEU C 260 -20.35 6.20 44.42
C LEU C 260 -19.42 6.53 45.60
N THR C 261 -19.28 5.58 46.52
CA THR C 261 -18.16 5.54 47.50
C THR C 261 -16.87 5.31 46.70
N LEU C 262 -15.72 5.65 47.26
CA LEU C 262 -14.41 5.44 46.56
C LEU C 262 -14.22 3.95 46.29
N GLN C 263 -14.61 3.08 47.23
CA GLN C 263 -14.48 1.60 47.07
C GLN C 263 -15.31 1.14 45.88
N ASP C 264 -16.54 1.63 45.73
CA ASP C 264 -17.46 1.23 44.62
C ASP C 264 -16.93 1.79 43.30
N ALA C 265 -16.30 2.97 43.32
CA ALA C 265 -15.66 3.60 42.13
C ALA C 265 -14.50 2.71 41.65
N LEU C 266 -13.65 2.22 42.56
CA LEU C 266 -12.52 1.32 42.21
C LEU C 266 -13.10 0.07 41.52
N LEU C 267 -14.17 -0.49 42.07
CA LEU C 267 -14.80 -1.74 41.55
C LEU C 267 -15.40 -1.47 40.16
N GLU C 268 -16.00 -0.30 39.95
CA GLU C 268 -16.63 0.09 38.65
C GLU C 268 -15.52 0.27 37.59
N VAL C 269 -14.36 0.80 37.95
CA VAL C 269 -13.21 0.93 37.00
C VAL C 269 -12.78 -0.48 36.57
N ALA C 270 -12.69 -1.42 37.51
CA ALA C 270 -12.33 -2.84 37.23
C ALA C 270 -13.41 -3.48 36.34
N GLN C 271 -14.69 -3.18 36.55
CA GLN C 271 -15.79 -3.70 35.70
C GLN C 271 -15.61 -3.19 34.26
N MET C 272 -15.28 -1.90 34.11
CA MET C 272 -15.05 -1.28 32.78
C MET C 272 -13.83 -1.95 32.13
N HIS C 273 -12.78 -2.22 32.90
CA HIS C 273 -11.57 -2.97 32.47
C HIS C 273 -11.99 -4.34 31.91
N ASN C 274 -12.76 -5.11 32.67
CA ASN C 274 -13.18 -6.48 32.28
C ASN C 274 -14.04 -6.40 31.01
N ASP C 275 -14.92 -5.40 30.90
CA ASP C 275 -15.78 -5.18 29.71
C ASP C 275 -14.89 -4.89 28.49
N ALA C 276 -13.85 -4.07 28.65
CA ALA C 276 -12.94 -3.67 27.54
C ALA C 276 -12.10 -4.88 27.10
N VAL C 277 -11.62 -5.70 28.05
CA VAL C 277 -10.88 -6.97 27.74
C VAL C 277 -11.77 -7.87 26.88
N ALA C 278 -13.03 -8.07 27.30
CA ALA C 278 -14.01 -8.94 26.61
C ALA C 278 -14.26 -8.41 25.19
N ALA C 279 -14.45 -7.09 25.06
CA ALA C 279 -14.66 -6.39 23.77
C ALA C 279 -13.42 -6.57 22.87
N PHE C 280 -12.21 -6.45 23.44
CA PHE C 280 -10.93 -6.63 22.71
C PHE C 280 -10.86 -8.04 22.13
N LEU C 281 -11.09 -9.06 22.96
CA LEU C 281 -11.02 -10.49 22.55
C LEU C 281 -12.04 -10.75 21.44
N ASP C 282 -13.24 -10.17 21.54
CA ASP C 282 -14.33 -10.36 20.55
C ASP C 282 -13.90 -9.75 19.21
N ARG C 283 -13.44 -8.50 19.22
CA ARG C 283 -12.99 -7.80 17.98
C ARG C 283 -11.74 -8.48 17.43
N ARG C 284 -10.83 -8.95 18.29
CA ARG C 284 -9.59 -9.66 17.84
C ARG C 284 -9.98 -10.92 17.05
N ALA C 285 -11.01 -11.65 17.49
CA ALA C 285 -11.48 -12.88 16.82
C ALA C 285 -11.97 -12.55 15.40
N ALA C 286 -12.66 -11.42 15.22
CA ALA C 286 -13.15 -10.93 13.90
C ALA C 286 -11.96 -10.56 13.01
N LEU C 287 -10.98 -9.84 13.57
CA LEU C 287 -9.76 -9.39 12.85
C LEU C 287 -8.94 -10.61 12.39
N ASP C 288 -8.95 -11.69 13.18
CA ASP C 288 -8.21 -12.94 12.88
C ASP C 288 -8.62 -13.48 11.49
N ARG C 289 -9.84 -13.19 11.06
CA ARG C 289 -10.41 -13.70 9.78
C ARG C 289 -9.72 -13.07 8.56
N TRP C 290 -9.16 -11.86 8.69
CA TRP C 290 -8.59 -11.13 7.51
C TRP C 290 -7.13 -10.68 7.71
N ALA C 291 -6.62 -10.61 8.95
CA ALA C 291 -5.39 -9.86 9.29
C ALA C 291 -4.17 -10.41 8.53
N THR C 292 -3.35 -9.49 8.01
CA THR C 292 -2.02 -9.77 7.40
C THR C 292 -0.99 -9.89 8.53
N LEU C 293 0.19 -10.43 8.25
CA LEU C 293 1.27 -10.66 9.24
C LEU C 293 1.60 -9.34 9.96
N PRO C 294 1.82 -8.21 9.25
CA PRO C 294 2.13 -6.95 9.91
C PRO C 294 1.04 -6.49 10.88
N VAL C 295 -0.23 -6.65 10.50
CA VAL C 295 -1.39 -6.31 11.38
C VAL C 295 -1.33 -7.23 12.62
N ARG C 296 -1.07 -8.52 12.44
CA ARG C 296 -1.00 -9.48 13.59
C ARG C 296 0.11 -9.07 14.55
N LYS C 297 1.26 -8.64 14.04
CA LYS C 297 2.41 -8.22 14.88
C LYS C 297 2.00 -6.97 15.67
N TYR C 298 1.33 -6.02 15.04
CA TYR C 298 0.89 -4.75 15.68
C TYR C 298 -0.11 -5.06 16.80
N VAL C 299 -1.08 -5.93 16.51
CA VAL C 299 -2.13 -6.34 17.49
C VAL C 299 -1.45 -7.03 18.68
N ARG C 300 -0.48 -7.93 18.42
CA ARG C 300 0.29 -8.59 19.52
C ARG C 300 1.05 -7.53 20.31
N GLY C 301 1.54 -6.48 19.62
CA GLY C 301 2.15 -5.29 20.23
C GLY C 301 1.22 -4.62 21.22
N LEU C 302 -0.05 -4.42 20.84
CA LEU C 302 -1.09 -3.85 21.73
C LEU C 302 -1.24 -4.73 22.98
N GLU C 303 -1.29 -6.04 22.79
CA GLU C 303 -1.51 -7.01 23.90
C GLU C 303 -0.34 -6.92 24.88
N HIS C 304 0.89 -6.93 24.37
CA HIS C 304 2.14 -6.80 25.19
C HIS C 304 2.11 -5.46 25.94
N TRP C 305 1.67 -4.38 25.29
CA TRP C 305 1.59 -3.04 25.92
C TRP C 305 0.64 -3.08 27.11
N VAL C 306 -0.61 -3.53 26.89
CA VAL C 306 -1.65 -3.58 27.95
C VAL C 306 -1.12 -4.42 29.12
N ARG C 307 -0.60 -5.62 28.84
CA ARG C 307 -0.21 -6.58 29.90
C ARG C 307 1.05 -6.11 30.62
N GLY C 308 2.06 -5.65 29.85
CA GLY C 308 3.33 -5.12 30.39
C GLY C 308 3.07 -3.91 31.28
N HIS C 309 2.14 -3.05 30.89
CA HIS C 309 1.73 -1.85 31.66
C HIS C 309 1.14 -2.28 33.01
N ILE C 310 0.27 -3.28 33.04
CA ILE C 310 -0.32 -3.80 34.32
C ILE C 310 0.82 -4.31 35.20
N ALA C 311 1.73 -5.13 34.65
CA ALA C 311 2.86 -5.74 35.38
C ALA C 311 3.71 -4.62 35.98
N PHE C 312 4.07 -3.63 35.17
CA PHE C 312 4.86 -2.46 35.60
C PHE C 312 4.15 -1.73 36.73
N SER C 313 2.91 -1.32 36.51
CA SER C 313 2.14 -0.43 37.43
C SER C 313 1.93 -1.11 38.78
N LEU C 314 1.63 -2.42 38.80
CA LEU C 314 1.39 -3.18 40.05
C LEU C 314 2.67 -3.31 40.89
N GLY C 315 3.84 -3.27 40.25
CA GLY C 315 5.14 -3.43 40.94
C GLY C 315 5.89 -2.11 41.09
N SER C 316 5.33 -1.00 40.61
CA SER C 316 6.07 0.29 40.55
C SER C 316 5.90 1.06 41.86
N ALA C 317 7.02 1.55 42.40
CA ALA C 317 7.09 2.45 43.59
C ALA C 317 6.40 3.78 43.26
N ARG C 318 6.32 4.12 41.97
CA ARG C 318 5.61 5.32 41.45
C ARG C 318 4.15 5.29 41.92
N TYR C 319 3.51 4.12 41.92
CA TYR C 319 2.06 3.97 42.25
C TYR C 319 1.86 3.29 43.62
N VAL C 320 2.58 2.20 43.90
CA VAL C 320 2.35 1.31 45.08
C VAL C 320 2.55 2.10 46.38
N GLY C 321 3.57 2.96 46.45
CA GLY C 321 4.03 3.66 47.67
C GLY C 321 3.00 4.63 48.25
N ALA C 322 2.12 5.21 47.42
CA ALA C 322 1.15 6.25 47.83
C ALA C 322 -0.07 5.64 48.54
N TRP C 323 -0.39 4.36 48.30
CA TRP C 323 -1.56 3.71 48.94
C TRP C 323 -1.26 3.48 50.42
N PRO C 324 -2.24 3.64 51.33
CA PRO C 324 -2.07 3.31 52.75
C PRO C 324 -1.67 1.84 53.01
N ASP C 325 -0.98 1.59 54.13
CA ASP C 325 -0.36 0.28 54.46
C ASP C 325 -1.43 -0.81 54.52
N ASP C 326 -2.69 -0.46 54.81
CA ASP C 326 -3.80 -1.41 55.03
C ASP C 326 -4.52 -1.71 53.71
N THR C 327 -4.04 -1.17 52.59
CA THR C 327 -4.63 -1.39 51.24
C THR C 327 -4.46 -2.87 50.86
N ARG C 328 -5.53 -3.47 50.33
CA ARG C 328 -5.57 -4.92 49.97
C ARG C 328 -5.36 -5.03 48.45
N TRP C 329 -4.21 -5.58 48.08
CA TRP C 329 -3.72 -5.70 46.68
C TRP C 329 -4.17 -7.02 46.07
N PRO C 330 -4.29 -7.09 44.72
CA PRO C 330 -4.66 -8.32 44.02
C PRO C 330 -3.43 -9.20 43.71
N ILE D 15 -4.18 48.34 -1.87
CA ILE D 15 -4.08 46.86 -1.65
C ILE D 15 -3.27 46.23 -2.78
N PRO D 16 -2.13 45.56 -2.46
CA PRO D 16 -1.26 45.00 -3.50
C PRO D 16 -1.88 43.82 -4.25
N PRO D 17 -1.45 43.55 -5.50
CA PRO D 17 -1.98 42.43 -6.28
C PRO D 17 -1.48 41.09 -5.72
N LEU D 18 -2.22 40.01 -6.00
CA LEU D 18 -1.86 38.64 -5.59
C LEU D 18 -1.69 37.76 -6.82
N PRO D 19 -0.56 37.92 -7.56
CA PRO D 19 -0.30 37.14 -8.78
C PRO D 19 -0.30 35.64 -8.47
N CYS D 20 -0.87 34.85 -9.38
CA CYS D 20 -1.12 33.40 -9.17
C CYS D 20 -1.24 32.70 -10.52
N PRO D 21 -0.24 31.89 -10.93
CA PRO D 21 -0.29 31.21 -12.23
C PRO D 21 -1.12 29.92 -12.26
N PHE D 22 -1.89 29.66 -11.20
CA PHE D 22 -2.76 28.46 -11.07
C PHE D 22 -4.05 28.71 -11.86
N PRO D 23 -4.66 27.67 -12.46
CA PRO D 23 -5.87 27.85 -13.25
C PRO D 23 -7.08 28.25 -12.39
N SER D 24 -7.87 29.21 -12.88
CA SER D 24 -9.14 29.67 -12.25
C SER D 24 -10.32 29.02 -12.97
N GLU D 25 -10.99 28.07 -12.30
CA GLU D 25 -12.14 27.30 -12.87
C GLU D 25 -13.29 27.33 -11.86
N ILE D 26 -14.50 27.01 -12.33
CA ILE D 26 -15.70 26.86 -11.47
C ILE D 26 -16.44 25.58 -11.87
N ASN D 27 -16.86 24.81 -10.88
CA ASN D 27 -17.73 23.62 -11.07
C ASN D 27 -19.03 24.08 -11.74
N GLU D 28 -19.46 23.40 -12.81
CA GLU D 28 -20.69 23.76 -13.57
C GLU D 28 -21.92 23.69 -12.67
N HIS D 29 -21.88 22.92 -11.56
CA HIS D 29 -23.02 22.70 -10.66
C HIS D 29 -23.10 23.78 -9.56
N ALA D 30 -22.29 24.84 -9.65
CA ALA D 30 -22.07 25.84 -8.57
C ALA D 30 -23.40 26.37 -8.01
N ASP D 31 -24.25 26.91 -8.88
CA ASP D 31 -25.48 27.66 -8.45
C ASP D 31 -26.55 26.67 -7.97
N ALA D 32 -26.74 25.55 -8.66
CA ALA D 32 -27.71 24.49 -8.28
C ALA D 32 -27.37 23.95 -6.88
N VAL D 33 -26.08 23.66 -6.64
CA VAL D 33 -25.61 23.02 -5.38
C VAL D 33 -25.57 24.09 -4.27
N ASP D 34 -25.13 25.32 -4.57
CA ASP D 34 -25.15 26.45 -3.59
C ASP D 34 -26.55 26.55 -2.96
N GLU D 35 -27.59 26.52 -3.78
CA GLU D 35 -29.01 26.67 -3.36
C GLU D 35 -29.40 25.46 -2.47
N GLU D 36 -29.08 24.26 -2.94
CA GLU D 36 -29.37 22.99 -2.23
C GLU D 36 -28.66 22.99 -0.86
N SER D 37 -27.37 23.33 -0.85
CA SER D 37 -26.52 23.37 0.36
C SER D 37 -27.00 24.47 1.31
N HIS D 38 -27.39 25.64 0.80
CA HIS D 38 -27.92 26.72 1.66
C HIS D 38 -29.20 26.25 2.36
N THR D 39 -30.08 25.59 1.60
CA THR D 39 -31.36 25.02 2.13
C THR D 39 -31.04 24.01 3.24
N TRP D 40 -30.01 23.18 3.04
CA TRP D 40 -29.53 22.18 4.04
C TRP D 40 -29.09 22.92 5.31
N LEU D 41 -28.34 24.02 5.17
CA LEU D 41 -27.85 24.83 6.31
C LEU D 41 -29.03 25.44 7.06
N ALA D 42 -30.00 26.02 6.35
CA ALA D 42 -31.22 26.60 6.95
C ALA D 42 -31.97 25.51 7.72
N ALA D 43 -32.06 24.29 7.18
CA ALA D 43 -32.77 23.15 7.79
C ALA D 43 -32.03 22.65 9.05
N SER D 44 -30.71 22.86 9.14
CA SER D 44 -29.83 22.33 10.22
C SER D 44 -30.07 23.08 11.54
N HIS D 45 -30.57 24.31 11.48
CA HIS D 45 -30.75 25.25 12.62
C HIS D 45 -29.40 25.57 13.28
N MET D 46 -28.28 25.41 12.56
CA MET D 46 -26.93 25.80 13.05
C MET D 46 -26.86 27.33 13.19
N LEU D 47 -27.61 28.07 12.36
CA LEU D 47 -27.72 29.54 12.45
C LEU D 47 -29.01 29.90 13.20
N LYS D 48 -28.92 30.80 14.18
CA LYS D 48 -30.06 31.20 15.05
C LYS D 48 -30.85 32.32 14.36
N GLY D 49 -30.17 33.39 13.91
CA GLY D 49 -30.80 34.62 13.40
C GLY D 49 -31.24 34.50 11.95
N ALA D 50 -32.43 35.01 11.62
CA ALA D 50 -32.98 35.09 10.25
C ALA D 50 -32.07 35.97 9.38
N ASP D 51 -31.55 37.07 9.95
CA ASP D 51 -30.62 38.00 9.27
C ASP D 51 -29.34 37.24 8.90
N THR D 52 -28.84 36.39 9.80
CA THR D 52 -27.60 35.59 9.58
C THR D 52 -27.84 34.59 8.45
N VAL D 53 -28.99 33.90 8.45
CA VAL D 53 -29.39 32.94 7.39
C VAL D 53 -29.42 33.69 6.04
N GLU D 54 -29.98 34.89 6.00
CA GLU D 54 -30.09 35.69 4.74
C GLU D 54 -28.69 36.11 4.29
N HIS D 55 -27.82 36.51 5.22
CA HIS D 55 -26.40 36.90 4.93
C HIS D 55 -25.68 35.73 4.26
N PHE D 56 -25.81 34.53 4.83
CA PHE D 56 -25.22 33.28 4.29
C PHE D 56 -25.76 33.03 2.87
N ARG D 57 -27.08 33.12 2.69
CA ARG D 57 -27.73 32.93 1.36
C ARG D 57 -27.05 33.83 0.32
N ARG D 58 -26.88 35.10 0.65
CA ARG D 58 -26.37 36.15 -0.28
C ARG D 58 -24.87 35.99 -0.50
N SER D 59 -24.16 35.32 0.42
CA SER D 59 -22.68 35.12 0.37
C SER D 59 -22.29 34.09 -0.69
N LYS D 60 -23.22 33.21 -1.09
CA LYS D 60 -22.99 32.20 -2.15
C LYS D 60 -21.79 31.33 -1.75
N ILE D 61 -21.85 30.69 -0.57
CA ILE D 61 -20.77 29.81 -0.05
C ILE D 61 -20.46 28.74 -1.11
N GLY D 62 -21.48 28.31 -1.85
CA GLY D 62 -21.35 27.29 -2.92
C GLY D 62 -20.48 27.76 -4.08
N THR D 63 -20.33 29.07 -4.28
CA THR D 63 -19.40 29.64 -5.29
C THR D 63 -17.97 29.33 -4.85
N LEU D 64 -17.67 29.45 -3.56
CA LEU D 64 -16.33 29.11 -3.01
C LEU D 64 -16.11 27.60 -3.19
N ALA D 65 -17.09 26.77 -2.83
CA ALA D 65 -17.01 25.29 -2.97
C ALA D 65 -16.75 24.94 -4.44
N ALA D 66 -17.45 25.59 -5.37
CA ALA D 66 -17.40 25.28 -6.82
C ALA D 66 -16.07 25.76 -7.43
N ARG D 67 -15.55 26.90 -7.00
CA ARG D 67 -14.27 27.46 -7.55
C ARG D 67 -13.08 26.70 -6.96
N THR D 68 -13.17 26.21 -5.72
CA THR D 68 -12.06 25.48 -5.05
C THR D 68 -12.09 23.99 -5.41
N ASN D 69 -13.22 23.47 -5.89
CA ASN D 69 -13.39 22.06 -6.31
C ASN D 69 -14.07 22.02 -7.68
N PRO D 70 -13.44 22.55 -8.74
CA PRO D 70 -14.12 22.69 -10.03
C PRO D 70 -14.32 21.39 -10.84
N THR D 71 -13.64 20.29 -10.48
CA THR D 71 -13.62 19.03 -11.27
C THR D 71 -14.56 17.97 -10.69
N VAL D 72 -15.01 18.12 -9.44
CA VAL D 72 -15.70 17.00 -8.71
C VAL D 72 -17.12 16.84 -9.26
N PRO D 73 -17.67 15.61 -9.25
CA PRO D 73 -19.08 15.40 -9.60
C PRO D 73 -20.04 16.10 -8.61
N ARG D 74 -21.30 16.25 -9.03
CA ARG D 74 -22.34 17.02 -8.30
C ARG D 74 -22.47 16.54 -6.85
N ASP D 75 -22.53 15.23 -6.61
CA ASP D 75 -22.74 14.65 -5.26
C ASP D 75 -21.58 15.03 -4.34
N SER D 76 -20.35 15.01 -4.87
CA SER D 76 -19.10 15.43 -4.16
C SER D 76 -19.19 16.93 -3.85
N LEU D 77 -19.57 17.74 -4.83
CA LEU D 77 -19.66 19.21 -4.63
C LEU D 77 -20.68 19.49 -3.52
N ARG D 78 -21.81 18.80 -3.54
CA ARG D 78 -22.90 18.99 -2.54
C ARG D 78 -22.35 18.68 -1.14
N LEU D 79 -21.65 17.56 -0.99
CA LEU D 79 -21.06 17.12 0.30
C LEU D 79 -20.07 18.18 0.79
N ILE D 80 -19.16 18.62 -0.09
CA ILE D 80 -18.12 19.63 0.23
C ILE D 80 -18.79 20.97 0.58
N ASN D 81 -19.80 21.37 -0.20
CA ASN D 81 -20.56 22.64 0.02
C ASN D 81 -21.20 22.59 1.42
N ASP D 82 -21.81 21.47 1.80
CA ASP D 82 -22.44 21.32 3.15
C ASP D 82 -21.34 21.50 4.21
N TRP D 83 -20.15 20.92 4.00
CA TRP D 83 -19.02 21.02 4.95
C TRP D 83 -18.55 22.48 5.06
N TYR D 84 -18.44 23.22 3.96
CA TYR D 84 -18.05 24.67 4.00
C TYR D 84 -19.09 25.44 4.82
N ASN D 85 -20.38 25.16 4.58
CA ASN D 85 -21.50 25.80 5.31
C ASN D 85 -21.38 25.49 6.80
N TRP D 86 -21.06 24.24 7.16
CA TRP D 86 -20.83 23.82 8.57
C TRP D 86 -19.70 24.68 9.18
N LEU D 87 -18.58 24.83 8.46
CA LEU D 87 -17.39 25.58 8.95
C LEU D 87 -17.75 27.06 9.13
N PHE D 88 -18.38 27.69 8.13
CA PHE D 88 -18.75 29.13 8.18
C PHE D 88 -19.72 29.36 9.34
N ALA D 89 -20.75 28.51 9.49
CA ALA D 89 -21.73 28.59 10.59
C ALA D 89 -21.00 28.44 11.94
N PHE D 90 -20.11 27.46 12.04
CA PHE D 90 -19.35 27.13 13.27
C PHE D 90 -18.43 28.30 13.62
N ASP D 91 -17.78 28.89 12.63
CA ASP D 91 -16.91 30.08 12.83
C ASP D 91 -17.79 31.21 13.37
N ASP D 92 -18.95 31.44 12.74
CA ASP D 92 -19.91 32.51 13.12
C ASP D 92 -20.34 32.31 14.58
N ALA D 93 -20.77 31.10 14.93
CA ALA D 93 -21.09 30.69 16.31
C ALA D 93 -19.82 30.24 17.02
N ARG D 103 -14.13 32.35 26.69
CA ARG D 103 -12.68 32.28 27.03
C ARG D 103 -12.14 30.87 26.69
N ALA D 104 -10.82 30.69 26.81
CA ALA D 104 -10.06 29.49 26.41
C ALA D 104 -10.63 28.26 27.13
N SER D 105 -10.81 28.34 28.45
CA SER D 105 -11.33 27.23 29.29
C SER D 105 -12.68 26.77 28.75
N ALA D 106 -13.60 27.71 28.49
CA ALA D 106 -14.97 27.41 28.02
C ALA D 106 -14.88 26.73 26.65
N LEU D 107 -14.04 27.26 25.76
CA LEU D 107 -13.87 26.70 24.39
C LEU D 107 -13.34 25.26 24.51
N ALA D 108 -12.29 25.04 25.30
CA ALA D 108 -11.67 23.71 25.50
C ALA D 108 -12.72 22.71 26.00
N ARG D 109 -13.55 23.11 26.98
CA ARG D 109 -14.52 22.19 27.64
C ARG D 109 -15.69 21.91 26.70
N ALA D 110 -15.91 22.73 25.67
CA ALA D 110 -17.01 22.56 24.69
C ALA D 110 -16.66 21.49 23.65
N LEU D 111 -15.38 21.07 23.54
CA LEU D 111 -14.89 20.24 22.41
C LEU D 111 -15.22 18.75 22.58
N PRO D 112 -15.05 18.13 23.78
CA PRO D 112 -15.28 16.68 23.92
C PRO D 112 -16.56 16.12 23.30
N PRO D 113 -17.79 16.73 23.41
CA PRO D 113 -18.97 16.27 22.66
C PRO D 113 -18.92 16.26 21.11
N LEU D 114 -18.34 17.29 20.49
CA LEU D 114 -18.00 17.29 19.05
C LEU D 114 -17.01 16.14 18.74
N LEU D 115 -15.94 16.00 19.54
CA LEU D 115 -14.95 14.90 19.39
C LEU D 115 -15.64 13.54 19.44
N GLU D 116 -16.62 13.36 20.34
CA GLU D 116 -17.32 12.06 20.52
C GLU D 116 -18.09 11.72 19.23
N ILE D 117 -18.79 12.69 18.66
CA ILE D 117 -19.52 12.52 17.37
C ILE D 117 -18.49 12.15 16.29
N LEU D 118 -17.39 12.90 16.25
CA LEU D 118 -16.29 12.76 15.26
C LEU D 118 -15.72 11.35 15.31
N ASP D 119 -15.56 10.83 16.52
CA ASP D 119 -14.99 9.50 16.80
C ASP D 119 -15.93 8.42 16.25
N GLY D 120 -17.18 8.78 15.96
CA GLY D 120 -18.20 7.82 15.48
C GLY D 120 -18.58 6.89 16.62
N ARG D 121 -18.56 7.43 17.83
CA ARG D 121 -18.66 6.67 19.09
C ARG D 121 -20.05 6.72 19.70
N ARG D 122 -20.82 7.73 19.34
CA ARG D 122 -22.13 7.85 20.00
C ARG D 122 -23.02 8.67 19.08
N GLU D 123 -24.31 8.37 19.08
CA GLU D 123 -25.24 9.22 18.29
C GLU D 123 -25.35 10.54 19.04
N PRO D 124 -25.40 11.68 18.33
CA PRO D 124 -25.58 12.99 18.97
C PRO D 124 -26.99 13.16 19.58
N ASP D 125 -27.11 14.03 20.57
CA ASP D 125 -28.41 14.52 21.10
C ASP D 125 -29.06 15.43 20.05
N GLY D 126 -30.38 15.63 20.13
CA GLY D 126 -31.06 16.72 19.44
C GLY D 126 -30.52 18.09 19.86
N SER D 127 -29.69 18.11 20.92
CA SER D 127 -29.32 19.29 21.74
C SER D 127 -28.40 20.25 20.97
N ASP D 128 -27.51 19.72 20.13
CA ASP D 128 -26.50 20.54 19.42
C ASP D 128 -26.72 20.40 17.91
N ALA D 129 -27.11 21.49 17.25
CA ALA D 129 -27.29 21.56 15.78
C ALA D 129 -25.96 21.19 15.08
N PHE D 130 -24.84 21.67 15.62
CA PHE D 130 -23.49 21.41 15.06
C PHE D 130 -23.16 19.91 15.14
N GLY D 131 -23.45 19.29 16.28
CA GLY D 131 -23.23 17.84 16.47
C GLY D 131 -24.03 17.01 15.48
N LEU D 132 -25.33 17.29 15.37
CA LEU D 132 -26.27 16.54 14.48
C LEU D 132 -25.74 16.59 13.04
N ALA D 133 -25.36 17.77 12.57
CA ALA D 133 -24.93 18.00 11.18
C ALA D 133 -23.54 17.38 10.98
N LEU D 134 -22.67 17.48 11.98
CA LEU D 134 -21.30 16.89 11.92
C LEU D 134 -21.42 15.38 11.75
N LYS D 135 -22.32 14.75 12.51
CA LYS D 135 -22.59 13.30 12.43
C LYS D 135 -23.04 12.95 11.01
N GLU D 136 -24.00 13.71 10.45
CA GLU D 136 -24.54 13.45 9.09
C GLU D 136 -23.40 13.53 8.07
N LEU D 137 -22.56 14.58 8.16
CA LEU D 137 -21.44 14.78 7.23
C LEU D 137 -20.43 13.62 7.38
N LEU D 138 -20.13 13.19 8.60
CA LEU D 138 -19.18 12.06 8.84
C LEU D 138 -19.72 10.82 8.13
N HIS D 139 -21.01 10.51 8.30
CA HIS D 139 -21.69 9.36 7.67
C HIS D 139 -21.56 9.48 6.13
N ARG D 140 -21.86 10.65 5.58
CA ARG D 140 -21.86 10.89 4.12
C ARG D 140 -20.42 10.80 3.59
N ILE D 141 -19.43 11.27 4.34
CA ILE D 141 -17.99 11.15 3.93
C ILE D 141 -17.61 9.67 3.95
N SER D 142 -17.97 8.95 5.02
CA SER D 142 -17.69 7.50 5.21
C SER D 142 -18.28 6.68 4.06
N ASP D 143 -19.41 7.11 3.49
CA ASP D 143 -20.10 6.42 2.37
C ASP D 143 -19.24 6.48 1.10
N VAL D 144 -18.35 7.47 0.93
CA VAL D 144 -17.60 7.69 -0.35
C VAL D 144 -16.09 7.72 -0.12
N ALA D 145 -15.61 7.33 1.06
CA ALA D 145 -14.17 7.42 1.42
C ALA D 145 -13.73 6.12 2.10
N SER D 146 -12.45 5.79 2.00
CA SER D 146 -11.80 4.67 2.73
C SER D 146 -11.65 5.07 4.21
N PRO D 147 -11.53 4.09 5.13
CA PRO D 147 -11.29 4.40 6.54
C PRO D 147 -10.08 5.33 6.76
N ALA D 148 -9.00 5.12 5.99
CA ALA D 148 -7.79 5.98 6.05
C ALA D 148 -8.14 7.41 5.66
N GLN D 149 -8.97 7.61 4.62
CA GLN D 149 -9.38 8.96 4.16
C GLN D 149 -10.23 9.63 5.24
N VAL D 150 -11.18 8.89 5.82
CA VAL D 150 -12.08 9.39 6.89
C VAL D 150 -11.22 9.84 8.08
N ASP D 151 -10.21 9.05 8.47
CA ASP D 151 -9.35 9.36 9.64
C ASP D 151 -8.48 10.58 9.30
N ARG D 152 -8.01 10.68 8.06
CA ARG D 152 -7.28 11.87 7.54
C ARG D 152 -8.12 13.12 7.81
N TRP D 153 -9.38 13.12 7.40
CA TRP D 153 -10.32 14.25 7.57
C TRP D 153 -10.55 14.48 9.07
N ARG D 154 -10.88 13.43 9.83
CA ARG D 154 -11.12 13.51 11.29
C ARG D 154 -9.97 14.26 11.97
N THR D 155 -8.72 13.86 11.67
CA THR D 155 -7.49 14.42 12.29
C THR D 155 -7.45 15.93 12.05
N THR D 156 -7.71 16.36 10.82
CA THR D 156 -7.65 17.79 10.44
C THR D 156 -8.76 18.55 11.19
N VAL D 157 -9.94 17.94 11.37
CA VAL D 157 -11.09 18.60 12.08
C VAL D 157 -10.70 18.78 13.56
N LYS D 158 -10.11 17.76 14.19
CA LYS D 158 -9.66 17.82 15.60
C LYS D 158 -8.66 18.97 15.75
N GLU D 159 -7.66 19.04 14.87
CA GLU D 159 -6.60 20.07 14.93
C GLU D 159 -7.25 21.46 14.80
N TYR D 160 -8.21 21.62 13.88
CA TYR D 160 -8.95 22.89 13.67
C TYR D 160 -9.68 23.27 14.98
N LEU D 161 -10.37 22.32 15.60
CA LEU D 161 -11.16 22.58 16.84
C LEU D 161 -10.20 23.02 17.94
N PHE D 162 -9.09 22.30 18.15
CA PHE D 162 -8.10 22.62 19.21
C PHE D 162 -7.45 23.97 18.91
N ALA D 163 -7.23 24.29 17.63
CA ALA D 163 -6.63 25.57 17.18
C ALA D 163 -7.49 26.75 17.63
N GLN D 164 -8.82 26.60 17.67
CA GLN D 164 -9.76 27.66 18.11
C GLN D 164 -9.42 28.10 19.54
N ILE D 165 -9.04 27.15 20.40
CA ILE D 165 -8.64 27.44 21.82
C ILE D 165 -7.50 28.45 21.82
N TRP D 166 -6.50 28.25 20.96
CA TRP D 166 -5.29 29.11 20.89
C TRP D 166 -5.71 30.55 20.58
N GLU D 167 -6.59 30.75 19.59
CA GLU D 167 -7.14 32.08 19.24
C GLU D 167 -7.77 32.69 20.50
N ALA D 168 -8.60 31.93 21.22
CA ALA D 168 -9.30 32.39 22.45
C ALA D 168 -8.25 32.75 23.52
N ALA D 169 -7.21 31.93 23.64
CA ALA D 169 -6.09 32.15 24.60
C ALA D 169 -5.51 33.55 24.40
N ASN D 170 -5.29 33.95 23.14
CA ASN D 170 -4.70 35.27 22.79
C ASN D 170 -5.72 36.37 23.12
N ARG D 171 -6.99 36.17 22.77
CA ARG D 171 -8.08 37.15 23.01
C ARG D 171 -8.19 37.37 24.54
N GLU D 172 -8.17 36.28 25.30
CA GLU D 172 -8.38 36.29 26.78
C GLU D 172 -7.32 37.18 27.45
N VAL D 173 -6.07 37.19 26.99
CA VAL D 173 -5.01 38.03 27.63
C VAL D 173 -4.66 39.22 26.73
N ASP D 174 -5.50 39.56 25.75
CA ASP D 174 -5.35 40.79 24.91
C ASP D 174 -3.94 40.87 24.31
N LEU D 175 -3.49 39.81 23.63
CA LEU D 175 -2.15 39.73 23.01
C LEU D 175 -2.30 39.58 21.49
N ILE D 176 -1.46 40.29 20.72
CA ILE D 176 -1.23 40.05 19.28
C ILE D 176 -0.17 38.95 19.18
N PRO D 177 -0.46 37.79 18.56
CA PRO D 177 0.52 36.71 18.45
C PRO D 177 1.76 37.16 17.66
N THR D 178 2.92 36.58 17.97
CA THR D 178 4.20 36.81 17.23
C THR D 178 4.07 36.21 15.82
N PRO D 179 4.83 36.73 14.82
CA PRO D 179 4.79 36.21 13.45
C PRO D 179 4.96 34.69 13.31
N ASP D 180 5.95 34.09 13.98
CA ASP D 180 6.25 32.63 13.89
C ASP D 180 5.05 31.83 14.42
N ASP D 181 4.54 32.19 15.59
CA ASP D 181 3.39 31.48 16.22
C ASP D 181 2.18 31.61 15.29
N TYR D 182 1.91 32.83 14.81
CA TYR D 182 0.70 33.12 14.00
C TYR D 182 0.75 32.32 12.70
N VAL D 183 1.86 32.36 11.94
CA VAL D 183 1.93 31.71 10.60
C VAL D 183 1.74 30.20 10.77
N LEU D 184 2.35 29.58 11.79
CA LEU D 184 2.18 28.13 12.08
C LEU D 184 0.71 27.85 12.40
N MET D 185 0.12 28.58 13.36
CA MET D 185 -1.24 28.29 13.88
C MET D 185 -2.29 28.67 12.84
N ARG D 186 -2.02 29.67 11.99
CA ARG D 186 -2.98 30.14 10.95
C ARG D 186 -3.31 28.99 10.00
N ARG D 187 -2.37 28.07 9.79
CA ARG D 187 -2.57 26.89 8.91
C ARG D 187 -3.67 25.97 9.48
N ILE D 188 -3.90 25.96 10.80
CA ILE D 188 -4.91 25.05 11.43
C ILE D 188 -6.12 25.85 11.98
N THR D 189 -6.00 27.17 12.24
CA THR D 189 -7.15 27.97 12.74
C THR D 189 -8.19 28.18 11.63
N GLY D 190 -7.80 28.04 10.36
CA GLY D 190 -8.62 28.39 9.18
C GLY D 190 -9.38 27.21 8.58
N ALA D 191 -9.06 25.98 8.96
CA ALA D 191 -9.76 24.72 8.56
C ALA D 191 -9.44 24.31 7.12
N THR D 192 -8.51 25.00 6.44
CA THR D 192 -8.16 24.73 5.02
C THR D 192 -7.78 23.25 4.84
N TYR D 193 -7.02 22.68 5.78
CA TYR D 193 -6.57 21.25 5.73
C TYR D 193 -7.78 20.30 5.73
N THR D 194 -8.88 20.66 6.38
CA THR D 194 -10.12 19.84 6.41
C THR D 194 -10.72 19.77 5.00
N CYS D 195 -10.52 20.82 4.19
CA CYS D 195 -11.03 20.88 2.79
C CYS D 195 -10.04 20.19 1.84
N PHE D 196 -8.73 20.34 2.06
CA PHE D 196 -7.67 19.62 1.30
C PHE D 196 -7.85 18.11 1.50
N ALA D 197 -8.31 17.71 2.68
CA ALA D 197 -8.54 16.29 3.05
C ALA D 197 -9.68 15.68 2.22
N LEU D 198 -10.51 16.49 1.55
CA LEU D 198 -11.65 15.99 0.75
C LEU D 198 -11.38 16.12 -0.74
N ILE D 199 -10.17 16.55 -1.14
CA ILE D 199 -9.81 16.71 -2.58
C ILE D 199 -9.83 15.34 -3.27
N ASP D 200 -9.09 14.38 -2.74
CA ASP D 200 -9.01 13.04 -3.37
C ASP D 200 -10.40 12.38 -3.24
N VAL D 201 -11.02 12.46 -2.05
CA VAL D 201 -12.38 11.92 -1.77
C VAL D 201 -13.36 12.47 -2.81
N GLY D 202 -13.43 13.79 -2.94
CA GLY D 202 -14.32 14.48 -3.89
C GLY D 202 -14.13 14.00 -5.32
N GLY D 203 -12.87 13.77 -5.72
CA GLY D 203 -12.49 13.32 -7.08
C GLY D 203 -12.68 11.82 -7.28
N GLY D 204 -13.03 11.08 -6.23
CA GLY D 204 -13.29 9.63 -6.29
C GLY D 204 -12.01 8.81 -6.27
N TYR D 205 -10.88 9.39 -5.89
CA TYR D 205 -9.58 8.68 -5.83
C TYR D 205 -9.00 8.82 -4.41
N ARG D 206 -7.80 8.30 -4.19
CA ARG D 206 -7.24 8.16 -2.84
C ARG D 206 -5.71 8.12 -2.94
N LEU D 207 -5.03 9.03 -2.25
CA LEU D 207 -3.56 8.97 -2.14
C LEU D 207 -3.21 7.92 -1.10
N GLU D 208 -2.19 7.10 -1.39
CA GLU D 208 -1.62 6.10 -0.45
C GLU D 208 -0.84 6.86 0.62
N ALA D 209 -0.57 6.19 1.75
CA ALA D 209 0.12 6.77 2.92
C ALA D 209 1.37 7.53 2.46
N GLU D 210 2.26 6.87 1.72
CA GLU D 210 3.59 7.44 1.38
C GLU D 210 3.45 8.49 0.26
N GLU D 211 2.35 8.48 -0.49
CA GLU D 211 2.05 9.55 -1.46
C GLU D 211 1.63 10.80 -0.68
N TRP D 212 0.60 10.67 0.15
CA TRP D 212 0.03 11.78 0.95
C TRP D 212 1.13 12.38 1.85
N HIS D 213 1.91 11.55 2.54
CA HIS D 213 2.86 11.97 3.60
C HIS D 213 4.25 12.24 3.02
N HIS D 214 4.46 12.11 1.72
CA HIS D 214 5.78 12.44 1.10
C HIS D 214 6.10 13.89 1.42
N PRO D 215 7.33 14.20 1.89
CA PRO D 215 7.73 15.57 2.21
C PRO D 215 7.41 16.60 1.11
N ASP D 216 7.59 16.24 -0.16
CA ASP D 216 7.28 17.12 -1.32
C ASP D 216 5.79 17.47 -1.33
N VAL D 217 4.92 16.48 -1.08
CA VAL D 217 3.43 16.64 -1.13
C VAL D 217 2.98 17.44 0.09
N ARG D 218 3.54 17.16 1.27
CA ARG D 218 3.29 17.92 2.52
C ARG D 218 3.75 19.37 2.33
N THR D 219 4.92 19.60 1.74
CA THR D 219 5.47 20.96 1.51
C THR D 219 4.51 21.76 0.63
N LEU D 220 4.04 21.17 -0.48
CA LEU D 220 3.10 21.84 -1.43
C LEU D 220 1.77 22.11 -0.72
N SER D 221 1.28 21.15 0.06
CA SER D 221 0.05 21.28 0.87
C SER D 221 0.21 22.45 1.83
N ASP D 222 1.34 22.52 2.52
CA ASP D 222 1.63 23.58 3.54
C ASP D 222 1.74 24.94 2.85
N LEU D 223 2.40 25.03 1.70
CA LEU D 223 2.54 26.31 0.95
C LEU D 223 1.16 26.77 0.48
N ALA D 224 0.34 25.87 -0.08
CA ALA D 224 -1.03 26.18 -0.55
C ALA D 224 -1.86 26.69 0.64
N CYS D 225 -1.73 26.03 1.79
CA CYS D 225 -2.46 26.41 3.03
C CYS D 225 -1.98 27.80 3.49
N ASP D 226 -0.67 28.02 3.46
CA ASP D 226 -0.06 29.35 3.75
C ASP D 226 -0.71 30.39 2.83
N LEU D 227 -0.67 30.15 1.51
CA LEU D 227 -1.18 31.13 0.52
C LEU D 227 -2.64 31.46 0.85
N ILE D 228 -3.51 30.46 1.04
CA ILE D 228 -4.97 30.69 1.27
C ILE D 228 -5.16 31.55 2.53
N GLY D 229 -4.45 31.22 3.62
CA GLY D 229 -4.52 31.95 4.91
C GLY D 229 -4.09 33.39 4.75
N TRP D 230 -2.92 33.62 4.15
CA TRP D 230 -2.31 34.97 3.96
C TRP D 230 -3.19 35.79 3.01
N ASP D 231 -3.66 35.16 1.92
CA ASP D 231 -4.58 35.78 0.92
C ASP D 231 -5.88 36.21 1.62
N ASN D 232 -6.47 35.33 2.43
CA ASN D 232 -7.71 35.63 3.20
C ASN D 232 -7.42 36.80 4.14
N ASP D 233 -6.33 36.74 4.91
CA ASP D 233 -5.95 37.79 5.89
C ASP D 233 -5.92 39.13 5.16
N LEU D 234 -5.14 39.21 4.08
CA LEU D 234 -4.92 40.44 3.31
C LEU D 234 -6.25 40.91 2.69
N LEU D 235 -6.98 40.02 2.01
CA LEU D 235 -8.23 40.41 1.32
C LEU D 235 -9.30 40.83 2.34
N SER D 236 -9.34 40.20 3.52
CA SER D 236 -10.41 40.42 4.53
C SER D 236 -10.00 41.52 5.51
N TYR D 237 -8.77 42.03 5.41
CA TYR D 237 -8.23 43.05 6.35
C TYR D 237 -9.15 44.28 6.34
N ALA D 246 -9.03 40.74 13.45
CA ALA D 246 -7.94 41.71 13.26
C ALA D 246 -6.71 41.32 14.09
N ARG D 247 -6.93 40.87 15.33
CA ARG D 247 -5.87 40.34 16.23
C ARG D 247 -5.20 39.13 15.58
N HIS D 248 -6.01 38.26 14.96
CA HIS D 248 -5.55 37.06 14.22
C HIS D 248 -5.61 37.38 12.74
N ASN D 249 -4.64 38.18 12.29
CA ASN D 249 -4.50 38.65 10.90
C ASN D 249 -3.02 38.96 10.67
N LEU D 250 -2.46 38.46 9.58
CA LEU D 250 -0.99 38.57 9.30
C LEU D 250 -0.61 40.05 9.16
N VAL D 251 -1.49 40.88 8.59
CA VAL D 251 -1.21 42.33 8.40
C VAL D 251 -0.97 42.95 9.78
N THR D 252 -1.90 42.75 10.72
CA THR D 252 -1.84 43.27 12.12
C THR D 252 -0.59 42.74 12.84
N VAL D 253 -0.36 41.43 12.73
CA VAL D 253 0.77 40.72 13.40
C VAL D 253 2.09 41.36 12.95
N LEU D 254 2.29 41.52 11.63
CA LEU D 254 3.55 42.08 11.06
C LEU D 254 3.67 43.56 11.43
N ALA D 255 2.60 44.34 11.27
CA ALA D 255 2.58 45.79 11.58
C ALA D 255 2.99 45.99 13.06
N THR D 256 2.41 45.21 13.96
CA THR D 256 2.64 45.31 15.43
C THR D 256 4.08 44.92 15.75
N HIS D 257 4.51 43.72 15.36
CA HIS D 257 5.75 43.08 15.85
C HIS D 257 6.99 43.56 15.07
N LYS D 258 6.82 44.09 13.86
CA LYS D 258 7.95 44.60 13.02
C LYS D 258 7.88 46.13 12.91
N SER D 259 6.93 46.78 13.62
CA SER D 259 6.79 48.25 13.67
C SER D 259 6.69 48.81 12.25
N LEU D 260 5.78 48.29 11.44
CA LEU D 260 5.59 48.68 10.03
C LEU D 260 4.37 49.58 9.90
N THR D 261 4.36 50.46 8.91
CA THR D 261 3.13 51.11 8.43
C THR D 261 2.23 50.02 7.84
N LEU D 262 0.93 50.27 7.89
CA LEU D 262 -0.14 49.42 7.32
C LEU D 262 0.18 49.07 5.86
N GLN D 263 0.56 50.09 5.07
CA GLN D 263 0.94 49.92 3.65
C GLN D 263 2.14 48.97 3.56
N ASP D 264 3.14 49.12 4.44
CA ASP D 264 4.38 48.30 4.40
C ASP D 264 4.05 46.86 4.85
N ALA D 265 3.11 46.69 5.78
CA ALA D 265 2.67 45.35 6.24
C ALA D 265 1.97 44.62 5.09
N LEU D 266 1.06 45.32 4.40
CA LEU D 266 0.33 44.79 3.22
C LEU D 266 1.33 44.31 2.16
N LEU D 267 2.36 45.11 1.88
CA LEU D 267 3.41 44.78 0.86
C LEU D 267 4.21 43.56 1.32
N GLU D 268 4.60 43.46 2.59
CA GLU D 268 5.37 42.31 3.12
C GLU D 268 4.52 41.04 2.97
N VAL D 269 3.21 41.12 3.19
CA VAL D 269 2.27 39.96 3.02
C VAL D 269 2.26 39.56 1.54
N ALA D 270 2.20 40.54 0.63
CA ALA D 270 2.23 40.31 -0.84
C ALA D 270 3.56 39.65 -1.22
N GLN D 271 4.67 40.10 -0.62
CA GLN D 271 6.02 39.52 -0.88
C GLN D 271 6.04 38.06 -0.43
N MET D 272 5.51 37.77 0.77
CA MET D 272 5.42 36.40 1.33
C MET D 272 4.59 35.53 0.38
N HIS D 273 3.46 36.05 -0.10
CA HIS D 273 2.60 35.40 -1.13
C HIS D 273 3.47 35.01 -2.34
N ASN D 274 4.19 35.97 -2.93
CA ASN D 274 4.97 35.77 -4.18
C ASN D 274 6.09 34.75 -3.92
N ASP D 275 6.73 34.80 -2.75
CA ASP D 275 7.78 33.84 -2.34
C ASP D 275 7.19 32.42 -2.25
N ALA D 276 6.00 32.28 -1.65
CA ALA D 276 5.31 30.98 -1.48
C ALA D 276 4.91 30.43 -2.84
N VAL D 277 4.42 31.29 -3.74
CA VAL D 277 4.04 30.89 -5.13
C VAL D 277 5.30 30.36 -5.82
N ALA D 278 6.40 31.12 -5.78
CA ALA D 278 7.71 30.72 -6.36
C ALA D 278 8.14 29.37 -5.76
N ALA D 279 8.05 29.23 -4.44
CA ALA D 279 8.44 28.00 -3.71
C ALA D 279 7.59 26.83 -4.22
N PHE D 280 6.29 27.06 -4.41
CA PHE D 280 5.31 26.04 -4.87
C PHE D 280 5.74 25.52 -6.25
N LEU D 281 6.03 26.44 -7.19
CA LEU D 281 6.38 26.10 -8.60
C LEU D 281 7.68 25.29 -8.63
N ASP D 282 8.70 25.68 -7.87
CA ASP D 282 10.02 24.99 -7.87
C ASP D 282 9.83 23.59 -7.28
N ARG D 283 9.12 23.47 -6.16
CA ARG D 283 8.91 22.14 -5.50
C ARG D 283 8.01 21.28 -6.39
N ARG D 284 7.06 21.89 -7.11
CA ARG D 284 6.18 21.16 -8.05
C ARG D 284 7.04 20.57 -9.18
N ALA D 285 8.03 21.33 -9.67
CA ALA D 285 8.96 20.89 -10.74
C ALA D 285 9.71 19.64 -10.28
N ALA D 286 10.15 19.58 -9.02
CA ALA D 286 10.86 18.42 -8.42
C ALA D 286 9.92 17.22 -8.37
N LEU D 287 8.69 17.44 -7.88
CA LEU D 287 7.63 16.41 -7.72
C LEU D 287 7.27 15.82 -9.10
N ASP D 288 7.26 16.66 -10.14
CA ASP D 288 6.91 16.29 -11.53
C ASP D 288 7.79 15.14 -12.03
N ARG D 289 9.02 15.00 -11.49
CA ARG D 289 9.98 13.93 -11.85
C ARG D 289 9.44 12.55 -11.45
N TRP D 290 8.73 12.44 -10.32
CA TRP D 290 8.39 11.14 -9.68
C TRP D 290 6.89 10.94 -9.48
N ALA D 291 6.07 11.99 -9.52
CA ALA D 291 4.65 11.97 -9.06
C ALA D 291 3.82 10.95 -9.84
N THR D 292 3.02 10.15 -9.13
CA THR D 292 1.98 9.26 -9.71
C THR D 292 0.77 10.13 -10.11
N LEU D 293 -0.13 9.61 -10.92
CA LEU D 293 -1.33 10.37 -11.39
C LEU D 293 -2.15 10.85 -10.20
N PRO D 294 -2.45 10.02 -9.17
CA PRO D 294 -3.22 10.49 -8.02
C PRO D 294 -2.58 11.73 -7.36
N VAL D 295 -1.26 11.72 -7.21
CA VAL D 295 -0.48 12.86 -6.62
C VAL D 295 -0.63 14.08 -7.53
N ARG D 296 -0.51 13.92 -8.85
CA ARG D 296 -0.65 15.04 -9.82
C ARG D 296 -2.04 15.65 -9.71
N LYS D 297 -3.09 14.82 -9.59
CA LYS D 297 -4.49 15.30 -9.50
C LYS D 297 -4.65 16.10 -8.20
N TYR D 298 -4.09 15.60 -7.10
CA TYR D 298 -4.17 16.25 -5.77
C TYR D 298 -3.51 17.63 -5.85
N VAL D 299 -2.32 17.71 -6.47
CA VAL D 299 -1.53 18.97 -6.56
C VAL D 299 -2.31 19.98 -7.42
N ARG D 300 -2.93 19.53 -8.52
CA ARG D 300 -3.83 20.37 -9.35
C ARG D 300 -5.01 20.83 -8.48
N GLY D 301 -5.47 19.97 -7.57
CA GLY D 301 -6.51 20.31 -6.56
C GLY D 301 -6.06 21.48 -5.69
N LEU D 302 -4.81 21.47 -5.22
CA LEU D 302 -4.23 22.55 -4.37
C LEU D 302 -4.22 23.85 -5.18
N GLU D 303 -3.81 23.77 -6.44
CA GLU D 303 -3.71 24.93 -7.36
C GLU D 303 -5.10 25.54 -7.56
N HIS D 304 -6.12 24.71 -7.85
CA HIS D 304 -7.53 25.16 -8.03
C HIS D 304 -8.03 25.82 -6.75
N TRP D 305 -7.70 25.27 -5.59
CA TRP D 305 -8.14 25.80 -4.26
C TRP D 305 -7.56 27.20 -4.06
N VAL D 306 -6.25 27.36 -4.23
CA VAL D 306 -5.55 28.67 -4.01
C VAL D 306 -6.17 29.71 -4.94
N ARG D 307 -6.28 29.39 -6.23
CA ARG D 307 -6.72 30.37 -7.26
C ARG D 307 -8.23 30.64 -7.10
N GLY D 308 -9.02 29.58 -6.86
CA GLY D 308 -10.48 29.66 -6.69
C GLY D 308 -10.87 30.49 -5.48
N HIS D 309 -10.09 30.37 -4.40
CA HIS D 309 -10.26 31.16 -3.15
C HIS D 309 -10.10 32.65 -3.47
N ILE D 310 -9.04 33.03 -4.21
CA ILE D 310 -8.78 34.45 -4.60
C ILE D 310 -9.96 34.93 -5.45
N ALA D 311 -10.40 34.15 -6.44
CA ALA D 311 -11.51 34.47 -7.37
C ALA D 311 -12.79 34.71 -6.56
N PHE D 312 -13.09 33.85 -5.60
CA PHE D 312 -14.28 33.97 -4.71
C PHE D 312 -14.19 35.27 -3.90
N SER D 313 -13.03 35.50 -3.25
CA SER D 313 -12.78 36.63 -2.33
C SER D 313 -12.98 37.96 -3.06
N LEU D 314 -12.45 38.06 -4.29
CA LEU D 314 -12.73 39.19 -5.22
C LEU D 314 -14.03 38.87 -5.99
C1 3E9 E . 20.40 -18.32 -14.67
O1 3E9 E . 21.02 -18.33 -15.99
C2 3E9 E . 21.33 -17.75 -13.62
C3 3E9 E . 21.87 -16.33 -13.81
C4 3E9 E . 20.76 -15.31 -14.08
C5 3E9 E . 22.74 -15.92 -12.61
C6 3E9 E . 21.98 -15.43 -11.36
C7 3E9 E . 21.53 -16.55 -10.46
C8 3E9 E . 20.34 -16.74 -9.88
C10 3E9 E . 19.14 -15.89 -10.15
C9 3E9 E . 20.13 -17.85 -8.90
C11 3E9 E . 19.30 -19.00 -9.44
C12 3E9 E . 19.97 -19.76 -10.54
C13 3E9 E . 19.44 -20.27 -11.65
C14 3E9 E . 20.15 -21.28 -12.50
C15 3E9 E . 18.07 -19.91 -12.16
PA 3E9 E . 21.89 -19.59 -16.50
O1A 3E9 E . 21.04 -20.78 -16.81
O2A 3E9 E . 22.73 -19.05 -17.62
O3A 3E9 E . 22.81 -19.92 -15.24
PB 3E9 E . 24.17 -20.81 -15.23
O1B 3E9 E . 23.77 -22.13 -15.83
O2B 3E9 E . 24.63 -20.92 -13.81
O3B 3E9 E . 25.13 -20.03 -16.10
MG MG F . 22.05 -22.74 -16.91
MG MG G . 19.12 -21.32 -17.66
MG MG H . 24.79 -18.94 -17.84
O6 BU3 I . 29.30 -19.76 -28.92
C3 BU3 I . 29.64 -20.04 -30.26
C4 BU3 I . 29.23 -18.89 -31.17
C2 BU3 I . 28.98 -21.42 -30.71
O5 BU3 I . 27.57 -21.38 -30.60
C1 BU3 I . 29.55 -22.59 -29.91
NA NA J . 2.85 3.29 4.85
C1 3E9 K . -11.68 -15.81 -24.38
O1 3E9 K . -12.08 -17.18 -24.62
C2 3E9 K . -12.90 -14.99 -23.99
C3 3E9 K . -13.73 -15.50 -22.80
C4 3E9 K . -12.88 -15.75 -21.57
C5 3E9 K . -14.93 -14.60 -22.51
C6 3E9 K . -14.63 -13.27 -21.81
C7 3E9 K . -14.18 -12.19 -22.74
C8 3E9 K . -13.10 -11.42 -22.68
C10 3E9 K . -12.09 -11.50 -21.56
C9 3E9 K . -12.82 -10.38 -23.72
C11 3E9 K . -11.59 -10.65 -24.57
C12 3E9 K . -11.79 -11.71 -25.61
C13 3E9 K . -10.94 -12.65 -26.00
C14 3E9 K . -11.28 -13.65 -27.08
C15 3E9 K . -9.55 -12.82 -25.44
PA 3E9 K . -12.26 -17.74 -26.12
O1A 3E9 K . -11.03 -17.58 -26.94
O2A 3E9 K . -12.85 -19.11 -26.02
O3A 3E9 K . -13.36 -16.73 -26.71
PB 3E9 K . -14.47 -16.98 -27.86
O1B 3E9 K . -13.68 -17.30 -29.10
O2B 3E9 K . -15.26 -15.70 -27.97
O3B 3E9 K . -15.31 -18.14 -27.38
MG MG L . -11.00 -16.20 -29.88
MG MG M . -9.03 -18.00 -27.10
MG MG N . -14.78 -19.86 -26.32
O6 BU3 O . -24.85 0.99 -12.43
C3 BU3 O . -25.64 2.14 -12.65
C4 BU3 O . -26.50 2.42 -11.43
C2 BU3 O . -26.50 1.96 -13.97
O5 BU3 O . -25.71 1.37 -14.99
C1 BU3 O . -27.08 3.27 -14.47
NA NA P . -5.04 4.73 1.52
C1 3E9 Q . -0.32 9.00 31.54
O1 3E9 Q . -1.41 9.20 32.48
C2 3E9 Q . 0.21 7.59 31.66
C3 3E9 Q . -0.79 6.44 31.51
C4 3E9 Q . -1.67 6.62 30.29
C5 3E9 Q . -0.08 5.08 31.52
C6 3E9 Q . 0.71 4.73 30.25
C7 3E9 Q . 2.07 5.39 30.19
C8 3E9 Q . 2.63 6.05 29.17
C10 3E9 Q . 1.90 6.41 27.91
C9 3E9 Q . 4.08 6.46 29.21
C11 3E9 Q . 4.30 7.96 29.22
C12 3E9 Q . 4.08 8.59 30.57
C13 3E9 Q . 3.39 9.67 30.89
C14 3E9 Q . 3.15 10.09 32.31
C15 3E9 Q . 2.77 10.59 29.87
PA 3E9 Q . -1.13 9.94 33.88
O1A 3E9 Q . -0.63 11.33 33.63
O2A 3E9 Q . -2.34 9.78 34.72
O3A 3E9 Q . 0.07 9.06 34.47
PB 3E9 Q . 0.62 8.92 35.99
O1B 3E9 Q . 0.85 10.34 36.44
O2B 3E9 Q . 1.90 8.12 35.91
O3B 3E9 Q . -0.47 8.22 36.77
MG MG R . -1.14 13.31 32.86
MG MG S . -2.57 8.55 36.43
NA NA T . -1.58 16.31 12.22
#